data_7ANT
#
_entry.id   7ANT
#
_cell.length_a   72.852
_cell.length_b   98.501
_cell.length_c   112.627
_cell.angle_alpha   90.000
_cell.angle_beta   90.000
_cell.angle_gamma   90.000
#
_symmetry.space_group_name_H-M   'P 21 21 21'
#
loop_
_entity.id
_entity.type
_entity.pdbx_description
1 polymer 'Cytochrome P450'
2 non-polymer 'HEME C'
3 non-polymer 1,2-ETHANEDIOL
4 water water
#
_entity_poly.entity_id   1
_entity_poly.type   'polypeptide(L)'
_entity_poly.pdbx_seq_one_letter_code
;MSEAIVVNNQNDQSRAYAIPLEDIDVSNPELFRDNTMWGYFERLRREDPVHYCKDSLFGPYWSVTKFKDIMQVETHPEIF
SSEGNITIMESNAAVTLPMFIAMDPPKHDVQRMAVSPIVAPENLAKLEGLIRERTGRALDGLPINETFDWVKLVSINLTT
QMLATLFDFPWEDRAKLTRWSDVATALVGTGIIDSEEQRMEELKGCVQYMTRLWNERVNVPPGNDLISMMAHTESMRNMT
PEEFLGNLILLIVGGNDTTRNSMTGGVLALNENPDEYRKLCANPALIASMVPEIVRWQTPLAHMRRTALQDTELGGKSIR
KGDKVIMWYVSGNRDPEAIENPDAFIIDRAKPRHHLSFGFGIHRCVGNRLAELQLRIVWEELLKRWPNPGQIEVVGAPER
VLSPFVKGYESLPVRINA
;
_entity_poly.pdbx_strand_id   A,B
#
# COMPACT_ATOMS: atom_id res chain seq x y z
N TYR A 17 17.56 9.95 -35.08
CA TYR A 17 18.86 9.47 -35.67
C TYR A 17 19.49 10.44 -36.70
N ALA A 18 18.79 11.47 -37.19
CA ALA A 18 19.35 12.40 -38.20
C ALA A 18 20.07 13.54 -37.49
N ILE A 19 20.08 13.56 -36.16
CA ILE A 19 20.86 14.61 -35.45
C ILE A 19 21.86 13.94 -34.51
N PRO A 20 22.96 14.67 -34.22
CA PRO A 20 23.99 14.20 -33.31
C PRO A 20 23.38 13.90 -31.93
N LEU A 21 23.91 12.87 -31.29
CA LEU A 21 23.54 12.41 -29.93
C LEU A 21 23.62 13.60 -28.96
N GLU A 22 24.71 14.36 -29.07
CA GLU A 22 25.03 15.45 -28.12
C GLU A 22 24.04 16.61 -28.23
N ASP A 23 23.22 16.66 -29.29
CA ASP A 23 22.22 17.73 -29.57
C ASP A 23 20.77 17.32 -29.24
N ILE A 24 20.52 16.12 -28.74
CA ILE A 24 19.12 15.68 -28.42
C ILE A 24 18.61 16.45 -27.19
N ASP A 25 17.48 17.13 -27.37
CA ASP A 25 16.73 17.87 -26.31
C ASP A 25 15.34 17.25 -26.16
N VAL A 26 15.20 16.23 -25.31
CA VAL A 26 13.90 15.53 -25.14
C VAL A 26 12.87 16.41 -24.41
N SER A 27 13.26 17.53 -23.82
CA SER A 27 12.35 18.45 -23.08
C SER A 27 11.59 19.39 -24.04
N ASN A 28 11.93 19.45 -25.31
CA ASN A 28 11.26 20.38 -26.27
C ASN A 28 9.74 20.09 -26.27
N PRO A 29 8.90 21.04 -25.84
CA PRO A 29 7.46 20.74 -25.63
C PRO A 29 6.77 20.34 -26.94
N GLU A 30 7.28 20.79 -28.10
CA GLU A 30 6.67 20.43 -29.41
C GLU A 30 6.71 18.91 -29.60
N LEU A 31 7.72 18.19 -29.07
CA LEU A 31 7.84 16.71 -29.24
C LEU A 31 6.64 16.02 -28.54
N PHE A 32 6.20 16.56 -27.40
CA PHE A 32 5.06 16.00 -26.64
C PHE A 32 3.73 16.35 -27.35
N ARG A 33 3.59 17.58 -27.85
CA ARG A 33 2.35 18.00 -28.57
C ARG A 33 2.21 17.19 -29.86
N ASP A 34 3.31 16.87 -30.53
CA ASP A 34 3.33 16.09 -31.79
C ASP A 34 3.38 14.57 -31.58
N ASN A 35 3.57 14.08 -30.34
CA ASN A 35 3.67 12.63 -30.03
C ASN A 35 4.88 11.99 -30.74
N THR A 36 5.99 12.73 -30.88
CA THR A 36 7.25 12.26 -31.51
C THR A 36 8.36 12.06 -30.46
N MET A 37 8.11 12.32 -29.18
CA MET A 37 9.19 12.21 -28.17
C MET A 37 9.63 10.75 -27.98
N TRP A 38 8.78 9.75 -28.25
CA TRP A 38 9.08 8.32 -27.97
C TRP A 38 10.42 7.90 -28.60
N GLY A 39 10.63 8.22 -29.87
CA GLY A 39 11.82 7.79 -30.62
C GLY A 39 13.12 8.35 -30.03
N TYR A 40 13.08 9.59 -29.52
CA TYR A 40 14.24 10.27 -28.90
C TYR A 40 14.58 9.58 -27.57
N PHE A 41 13.58 9.28 -26.74
CA PHE A 41 13.79 8.52 -25.48
C PHE A 41 14.32 7.10 -25.77
N GLU A 42 13.81 6.41 -26.79
CA GLU A 42 14.34 5.07 -27.16
C GLU A 42 15.84 5.14 -27.51
N ARG A 43 16.26 6.11 -28.31
CA ARG A 43 17.69 6.28 -28.69
C ARG A 43 18.54 6.53 -27.42
N LEU A 44 18.10 7.39 -26.51
CA LEU A 44 18.87 7.64 -25.26
C LEU A 44 18.97 6.36 -24.40
N ARG A 45 17.88 5.60 -24.23
CA ARG A 45 17.93 4.35 -23.42
C ARG A 45 19.01 3.41 -24.00
N ARG A 46 19.12 3.32 -25.32
CA ARG A 46 20.07 2.41 -26.00
C ARG A 46 21.51 2.95 -25.97
N GLU A 47 21.72 4.24 -26.22
CA GLU A 47 23.05 4.83 -26.56
C GLU A 47 23.59 5.72 -25.43
N ASP A 48 22.76 6.36 -24.60
CA ASP A 48 23.28 7.31 -23.58
C ASP A 48 22.23 7.49 -22.49
N PRO A 49 21.97 6.45 -21.68
CA PRO A 49 20.80 6.42 -20.80
C PRO A 49 20.78 7.48 -19.67
N VAL A 50 21.94 7.98 -19.24
CA VAL A 50 22.03 9.21 -18.40
C VAL A 50 22.69 10.27 -19.26
N HIS A 51 21.90 11.20 -19.77
CA HIS A 51 22.27 12.09 -20.89
C HIS A 51 22.32 13.58 -20.49
N TYR A 52 23.42 14.28 -20.79
CA TYR A 52 23.59 15.74 -20.55
C TYR A 52 23.11 16.48 -21.79
N CYS A 53 22.23 17.45 -21.59
CA CYS A 53 21.74 18.39 -22.62
C CYS A 53 22.26 19.81 -22.29
N LYS A 54 23.11 20.42 -23.14
CA LYS A 54 23.67 21.74 -22.81
C LYS A 54 22.72 22.90 -23.16
N ASP A 55 21.79 22.70 -24.10
CA ASP A 55 20.99 23.77 -24.73
C ASP A 55 19.50 23.33 -24.76
N SER A 56 18.61 24.08 -24.11
CA SER A 56 17.14 23.80 -24.13
C SER A 56 16.39 25.08 -23.74
N LEU A 57 15.05 25.05 -23.78
CA LEU A 57 14.23 26.19 -23.30
C LEU A 57 14.38 26.32 -21.78
N PHE A 58 14.96 25.32 -21.10
CA PHE A 58 15.01 25.28 -19.61
C PHE A 58 16.46 25.30 -19.13
N GLY A 59 17.41 25.66 -19.99
CA GLY A 59 18.85 25.63 -19.66
C GLY A 59 19.37 24.20 -19.62
N PRO A 60 20.62 23.97 -19.15
CA PRO A 60 21.18 22.63 -19.11
C PRO A 60 20.58 21.71 -18.04
N TYR A 61 20.55 20.42 -18.34
CA TYR A 61 19.95 19.39 -17.46
C TYR A 61 20.43 17.99 -17.86
N TRP A 62 20.31 17.07 -16.90
CA TRP A 62 20.46 15.61 -17.08
C TRP A 62 19.10 14.95 -17.33
N SER A 63 19.07 13.98 -18.25
CA SER A 63 17.93 13.08 -18.52
C SER A 63 18.23 11.71 -17.91
N VAL A 64 17.36 11.22 -17.02
CA VAL A 64 17.46 9.84 -16.48
C VAL A 64 16.33 9.04 -17.14
N THR A 65 16.67 8.09 -18.02
CA THR A 65 15.72 7.45 -18.98
C THR A 65 15.39 5.99 -18.64
N LYS A 66 16.18 5.35 -17.77
CA LYS A 66 15.96 3.91 -17.38
C LYS A 66 15.26 3.77 -16.04
N PHE A 67 14.45 2.73 -15.91
CA PHE A 67 13.66 2.41 -14.70
C PHE A 67 14.58 2.31 -13.47
N LYS A 68 15.67 1.55 -13.55
CA LYS A 68 16.54 1.27 -12.36
C LYS A 68 17.26 2.56 -11.92
N ASP A 69 17.61 3.44 -12.86
CA ASP A 69 18.34 4.69 -12.55
C ASP A 69 17.35 5.73 -11.94
N ILE A 70 16.08 5.75 -12.37
CA ILE A 70 15.07 6.62 -11.70
C ILE A 70 14.87 6.14 -10.26
N MET A 71 14.79 4.81 -10.06
CA MET A 71 14.65 4.22 -8.70
C MET A 71 15.81 4.64 -7.80
N GLN A 72 17.04 4.66 -8.32
CA GLN A 72 18.26 5.08 -7.59
C GLN A 72 18.11 6.56 -7.16
N VAL A 73 17.64 7.43 -8.04
CA VAL A 73 17.44 8.87 -7.68
C VAL A 73 16.32 9.00 -6.61
N GLU A 74 15.15 8.38 -6.83
CA GLU A 74 13.98 8.48 -5.92
C GLU A 74 14.39 8.08 -4.50
N THR A 75 15.16 7.01 -4.38
CA THR A 75 15.50 6.39 -3.05
C THR A 75 16.67 7.08 -2.36
N HIS A 76 17.29 8.14 -2.93
CA HIS A 76 18.42 8.88 -2.30
C HIS A 76 18.11 10.38 -2.22
N PRO A 77 17.08 10.79 -1.41
CA PRO A 77 16.77 12.21 -1.22
C PRO A 77 17.88 13.01 -0.50
N GLU A 78 18.82 12.33 0.19
CA GLU A 78 20.00 12.95 0.84
C GLU A 78 21.02 13.39 -0.22
N ILE A 79 20.94 12.87 -1.46
CA ILE A 79 21.80 13.31 -2.60
C ILE A 79 20.97 14.17 -3.59
N PHE A 80 19.75 13.76 -3.86
CA PHE A 80 18.89 14.34 -4.92
C PHE A 80 17.69 15.04 -4.23
N SER A 81 17.80 16.35 -4.08
CA SER A 81 16.89 17.22 -3.29
C SER A 81 15.63 17.59 -4.09
N SER A 82 14.49 17.70 -3.37
CA SER A 82 13.20 18.25 -3.89
C SER A 82 12.96 19.67 -3.41
N GLU A 83 13.89 20.32 -2.68
CA GLU A 83 13.56 21.58 -1.95
C GLU A 83 13.30 22.68 -2.98
N GLY A 84 12.13 23.35 -2.94
CA GLY A 84 11.91 24.58 -3.73
C GLY A 84 11.39 24.38 -5.15
N ASN A 85 11.73 23.30 -5.88
CA ASN A 85 11.25 23.14 -7.29
C ASN A 85 11.33 21.66 -7.68
N ILE A 86 10.22 21.09 -8.14
CA ILE A 86 10.17 19.66 -8.54
C ILE A 86 9.79 19.54 -10.03
N THR A 87 9.92 20.61 -10.83
CA THR A 87 9.74 20.50 -12.32
C THR A 87 10.99 21.04 -13.03
N ILE A 88 11.10 20.79 -14.34
CA ILE A 88 12.22 21.30 -15.18
C ILE A 88 12.11 22.83 -15.36
N MET A 89 10.89 23.37 -15.25
CA MET A 89 10.59 24.81 -15.47
C MET A 89 11.15 25.59 -14.28
N GLU A 90 11.84 26.70 -14.47
CA GLU A 90 12.57 27.30 -13.30
C GLU A 90 11.64 28.27 -12.54
N LEU A 97 4.30 29.77 -2.77
CA LEU A 97 4.03 29.24 -1.41
C LEU A 97 4.84 27.98 -1.14
N PRO A 98 5.31 27.78 0.10
CA PRO A 98 5.88 26.50 0.49
C PRO A 98 4.87 25.33 0.41
N MET A 99 5.33 24.15 0.02
CA MET A 99 4.43 22.95 0.00
C MET A 99 5.30 21.70 0.13
N PHE A 100 4.80 20.64 0.78
CA PHE A 100 5.65 19.52 1.23
C PHE A 100 6.16 18.64 0.07
N ILE A 101 5.59 18.73 -1.13
CA ILE A 101 6.21 18.03 -2.29
C ILE A 101 7.60 18.67 -2.56
N ALA A 102 7.76 19.98 -2.30
CA ALA A 102 8.99 20.73 -2.61
C ALA A 102 9.74 20.99 -1.31
N MET A 103 9.88 19.96 -0.50
CA MET A 103 10.58 20.00 0.81
C MET A 103 11.36 18.70 0.96
N ASP A 104 12.49 18.76 1.65
CA ASP A 104 13.25 17.55 2.08
C ASP A 104 12.94 17.18 3.53
N PRO A 105 13.30 15.96 4.00
CA PRO A 105 13.21 15.65 5.44
C PRO A 105 14.12 16.59 6.22
N PRO A 106 13.83 16.89 7.53
CA PRO A 106 12.69 16.35 8.25
C PRO A 106 11.31 16.98 8.01
N LYS A 107 11.25 18.25 7.60
CA LYS A 107 9.96 18.95 7.48
C LYS A 107 9.02 18.23 6.50
N HIS A 108 9.53 17.67 5.40
CA HIS A 108 8.69 16.84 4.49
C HIS A 108 7.92 15.78 5.28
N ASP A 109 8.63 15.03 6.13
CA ASP A 109 8.10 13.82 6.80
C ASP A 109 7.02 14.21 7.84
N VAL A 110 7.22 15.32 8.54
CA VAL A 110 6.26 15.85 9.56
C VAL A 110 4.96 16.21 8.82
N GLN A 111 5.08 16.93 7.68
CA GLN A 111 3.90 17.46 6.98
C GLN A 111 3.15 16.33 6.27
N ARG A 112 3.88 15.36 5.70
CA ARG A 112 3.23 14.17 5.08
C ARG A 112 2.46 13.39 6.16
N MET A 113 2.99 13.21 7.35
CA MET A 113 2.26 12.44 8.39
C MET A 113 0.94 13.15 8.78
N ALA A 114 0.89 14.49 8.76
CA ALA A 114 -0.36 15.26 8.98
C ALA A 114 -1.32 15.09 7.80
N VAL A 115 -0.82 15.13 6.57
CA VAL A 115 -1.71 15.23 5.37
C VAL A 115 -2.21 13.87 4.89
N SER A 116 -1.44 12.78 5.10
CA SER A 116 -1.74 11.43 4.57
C SER A 116 -3.16 11.00 4.95
N PRO A 117 -3.61 11.12 6.22
CA PRO A 117 -4.97 10.65 6.58
C PRO A 117 -6.13 11.41 5.90
N ILE A 118 -5.91 12.66 5.48
CA ILE A 118 -6.93 13.54 4.82
C ILE A 118 -7.38 12.98 3.47
N VAL A 119 -6.47 12.31 2.75
CA VAL A 119 -6.76 11.78 1.38
C VAL A 119 -6.79 10.25 1.34
N ALA A 120 -6.87 9.59 2.50
CA ALA A 120 -6.94 8.10 2.56
C ALA A 120 -8.38 7.65 2.32
N PRO A 121 -8.65 6.66 1.44
CA PRO A 121 -10.02 6.20 1.22
C PRO A 121 -10.80 5.79 2.50
N GLU A 122 -10.09 5.26 3.49
CA GLU A 122 -10.67 4.83 4.80
C GLU A 122 -11.38 5.99 5.49
N ASN A 123 -11.00 7.24 5.20
CA ASN A 123 -11.59 8.44 5.83
C ASN A 123 -12.61 9.13 4.89
N LEU A 124 -12.96 8.55 3.74
CA LEU A 124 -13.74 9.30 2.68
C LEU A 124 -14.96 8.53 2.16
N ALA A 125 -15.49 7.54 2.89
CA ALA A 125 -16.45 6.60 2.30
C ALA A 125 -17.74 7.33 1.90
N LYS A 126 -18.22 8.23 2.76
CA LYS A 126 -19.49 8.96 2.47
C LYS A 126 -19.28 9.88 1.26
N LEU A 127 -18.16 10.60 1.16
CA LEU A 127 -17.96 11.53 0.03
C LEU A 127 -17.77 10.71 -1.25
N GLU A 128 -17.15 9.54 -1.19
CA GLU A 128 -16.95 8.67 -2.40
C GLU A 128 -18.29 8.10 -2.88
N GLY A 129 -19.23 7.79 -1.98
CA GLY A 129 -20.58 7.33 -2.41
C GLY A 129 -21.32 8.46 -3.12
N LEU A 130 -21.14 9.67 -2.65
CA LEU A 130 -21.72 10.87 -3.30
C LEU A 130 -21.06 11.11 -4.67
N ILE A 131 -19.73 10.95 -4.80
CA ILE A 131 -19.06 11.01 -6.13
C ILE A 131 -19.66 10.01 -7.11
N ARG A 132 -19.91 8.77 -6.68
CA ARG A 132 -20.51 7.74 -7.58
C ARG A 132 -21.90 8.23 -8.07
N GLU A 133 -22.74 8.78 -7.18
CA GLU A 133 -24.10 9.25 -7.58
C GLU A 133 -23.98 10.40 -8.60
N ARG A 134 -23.09 11.36 -8.31
CA ARG A 134 -22.89 12.54 -9.20
C ARG A 134 -22.31 12.06 -10.54
N THR A 135 -21.39 11.09 -10.53
CA THR A 135 -20.80 10.52 -11.76
C THR A 135 -21.92 9.92 -12.65
N GLY A 136 -22.77 9.08 -12.07
CA GLY A 136 -23.87 8.44 -12.82
C GLY A 136 -24.77 9.49 -13.50
N ARG A 137 -25.14 10.53 -12.76
CA ARG A 137 -26.03 11.60 -13.29
C ARG A 137 -25.36 12.29 -14.48
N ALA A 138 -24.07 12.59 -14.36
CA ALA A 138 -23.31 13.27 -15.43
C ALA A 138 -23.33 12.38 -16.68
N LEU A 139 -23.05 11.08 -16.55
CA LEU A 139 -23.02 10.17 -17.71
C LEU A 139 -24.43 10.06 -18.33
N ASP A 140 -25.49 10.10 -17.51
CA ASP A 140 -26.89 10.05 -18.01
C ASP A 140 -27.20 11.27 -18.90
N GLY A 141 -26.46 12.38 -18.78
CA GLY A 141 -26.66 13.60 -19.58
C GLY A 141 -25.82 13.67 -20.85
N LEU A 142 -25.00 12.67 -21.18
CA LEU A 142 -24.13 12.74 -22.40
C LEU A 142 -24.96 12.56 -23.68
N PRO A 143 -24.55 13.19 -24.78
CA PRO A 143 -25.20 12.93 -26.07
C PRO A 143 -24.87 11.52 -26.57
N ILE A 144 -25.82 10.93 -27.29
CA ILE A 144 -25.78 9.54 -27.78
C ILE A 144 -25.87 9.58 -29.30
N ASN A 145 -25.06 8.77 -29.99
CA ASN A 145 -25.00 8.64 -31.46
C ASN A 145 -24.63 10.01 -32.08
N GLU A 146 -23.87 10.84 -31.36
CA GLU A 146 -23.49 12.22 -31.76
C GLU A 146 -22.03 12.45 -31.34
N THR A 147 -21.19 12.96 -32.22
CA THR A 147 -19.76 13.19 -31.89
C THR A 147 -19.65 14.37 -30.92
N PHE A 148 -18.89 14.21 -29.84
CA PHE A 148 -18.66 15.30 -28.85
C PHE A 148 -17.21 15.21 -28.42
N ASP A 149 -16.79 16.25 -27.69
CA ASP A 149 -15.40 16.33 -27.14
C ASP A 149 -15.41 15.66 -25.76
N TRP A 150 -14.84 14.47 -25.65
CA TRP A 150 -14.75 13.70 -24.38
C TRP A 150 -14.03 14.51 -23.29
N VAL A 151 -13.01 15.28 -23.66
CA VAL A 151 -12.20 16.01 -22.66
C VAL A 151 -13.08 17.05 -21.95
N LYS A 152 -13.91 17.75 -22.70
CA LYS A 152 -14.82 18.77 -22.12
C LYS A 152 -15.97 18.09 -21.38
N LEU A 153 -16.72 17.19 -22.01
CA LEU A 153 -18.02 16.74 -21.43
C LEU A 153 -17.83 15.65 -20.37
N VAL A 154 -16.70 14.93 -20.38
CA VAL A 154 -16.48 13.82 -19.39
C VAL A 154 -15.26 14.14 -18.52
N SER A 155 -14.06 14.22 -19.07
CA SER A 155 -12.84 14.23 -18.20
C SER A 155 -12.77 15.51 -17.33
N ILE A 156 -12.86 16.69 -17.93
CA ILE A 156 -12.82 17.97 -17.16
C ILE A 156 -14.08 18.02 -16.27
N ASN A 157 -15.24 17.73 -16.83
CA ASN A 157 -16.53 17.81 -16.08
C ASN A 157 -16.44 16.97 -14.78
N LEU A 158 -16.21 15.67 -14.91
CA LEU A 158 -16.22 14.72 -13.77
C LEU A 158 -15.07 15.04 -12.79
N THR A 159 -13.86 15.36 -13.24
CA THR A 159 -12.72 15.65 -12.33
C THR A 159 -13.05 16.88 -11.47
N THR A 160 -13.62 17.92 -12.08
CA THR A 160 -14.03 19.16 -11.39
C THR A 160 -15.15 18.81 -10.38
N GLN A 161 -16.14 17.98 -10.76
CA GLN A 161 -17.23 17.60 -9.82
C GLN A 161 -16.65 16.82 -8.63
N MET A 162 -15.68 15.94 -8.87
CA MET A 162 -15.03 15.15 -7.78
C MET A 162 -14.27 16.08 -6.81
N LEU A 163 -13.44 17.00 -7.32
CA LEU A 163 -12.68 17.96 -6.45
C LEU A 163 -13.67 18.86 -5.71
N ALA A 164 -14.70 19.35 -6.39
CA ALA A 164 -15.69 20.25 -5.74
C ALA A 164 -16.40 19.47 -4.63
N THR A 165 -16.71 18.19 -4.83
CA THR A 165 -17.33 17.33 -3.78
C THR A 165 -16.35 17.16 -2.58
N LEU A 166 -15.11 16.75 -2.84
CA LEU A 166 -14.15 16.46 -1.72
C LEU A 166 -13.91 17.73 -0.90
N PHE A 167 -13.83 18.90 -1.54
CA PHE A 167 -13.46 20.16 -0.87
C PHE A 167 -14.70 21.00 -0.52
N ASP A 168 -15.92 20.49 -0.75
CA ASP A 168 -17.19 21.28 -0.66
C ASP A 168 -16.94 22.69 -1.21
N PHE A 169 -16.42 22.78 -2.43
CA PHE A 169 -16.10 24.06 -3.11
C PHE A 169 -17.41 24.68 -3.63
N PRO A 170 -17.64 26.02 -3.49
CA PRO A 170 -18.86 26.63 -4.01
C PRO A 170 -19.15 26.23 -5.46
N TRP A 171 -20.27 25.52 -5.68
CA TRP A 171 -20.56 24.79 -6.92
C TRP A 171 -20.60 25.74 -8.13
N GLU A 172 -21.13 26.95 -7.98
CA GLU A 172 -21.25 27.90 -9.13
C GLU A 172 -19.86 28.40 -9.57
N ASP A 173 -18.87 28.33 -8.69
CA ASP A 173 -17.48 28.79 -8.95
C ASP A 173 -16.55 27.63 -9.33
N ARG A 174 -17.04 26.43 -9.64
CA ARG A 174 -16.16 25.23 -9.77
C ARG A 174 -15.19 25.34 -10.98
N ALA A 175 -15.52 26.10 -12.03
CA ALA A 175 -14.60 26.29 -13.19
C ALA A 175 -13.30 26.95 -12.74
N LYS A 176 -13.28 27.67 -11.62
CA LYS A 176 -12.04 28.30 -11.06
C LYS A 176 -11.00 27.21 -10.74
N LEU A 177 -11.44 26.00 -10.36
CA LEU A 177 -10.51 24.86 -10.10
C LEU A 177 -9.72 24.51 -11.37
N THR A 178 -10.40 24.37 -12.52
CA THR A 178 -9.74 24.12 -13.84
C THR A 178 -8.76 25.26 -14.16
N ARG A 179 -9.18 26.51 -13.99
CA ARG A 179 -8.36 27.68 -14.34
C ARG A 179 -7.09 27.67 -13.50
N TRP A 180 -7.22 27.48 -12.18
CA TRP A 180 -6.06 27.50 -11.27
C TRP A 180 -5.10 26.37 -11.64
N SER A 181 -5.62 25.18 -11.97
CA SER A 181 -4.83 24.02 -12.47
C SER A 181 -4.01 24.44 -13.69
N ASP A 182 -4.67 25.02 -14.71
CA ASP A 182 -4.00 25.43 -15.97
C ASP A 182 -2.89 26.44 -15.61
N VAL A 183 -3.17 27.40 -14.76
CA VAL A 183 -2.23 28.51 -14.52
C VAL A 183 -1.01 27.96 -13.78
N ALA A 184 -1.19 26.99 -12.89
CA ALA A 184 -0.11 26.43 -12.07
C ALA A 184 0.99 25.82 -12.96
N THR A 185 0.66 25.14 -14.05
CA THR A 185 1.61 24.32 -14.84
C THR A 185 1.95 24.97 -16.19
N ALA A 186 1.17 25.93 -16.67
CA ALA A 186 1.28 26.38 -18.07
C ALA A 186 2.63 27.04 -18.35
N LEU A 187 3.18 26.80 -19.54
CA LEU A 187 4.30 27.62 -20.09
C LEU A 187 3.71 28.99 -20.47
N VAL A 188 4.50 30.05 -20.43
CA VAL A 188 4.05 31.38 -20.98
C VAL A 188 3.79 31.27 -22.48
N GLY A 189 2.75 31.93 -22.99
CA GLY A 189 2.47 32.09 -24.44
C GLY A 189 1.82 30.88 -25.08
N THR A 190 1.12 30.02 -24.34
CA THR A 190 0.36 28.88 -24.91
C THR A 190 -1.15 29.17 -24.97
N GLY A 191 -1.59 30.34 -24.49
CA GLY A 191 -3.01 30.72 -24.47
C GLY A 191 -3.63 30.77 -23.07
N ILE A 192 -2.86 30.42 -22.03
CA ILE A 192 -3.32 30.47 -20.61
C ILE A 192 -2.84 31.76 -19.91
N ILE A 193 -1.52 32.01 -19.88
CA ILE A 193 -0.90 33.26 -19.35
C ILE A 193 -0.03 33.90 -20.43
N ASP A 194 0.05 35.23 -20.40
CA ASP A 194 0.89 36.05 -21.30
C ASP A 194 2.25 36.37 -20.70
N SER A 195 2.42 36.18 -19.39
CA SER A 195 3.61 36.61 -18.62
C SER A 195 3.61 35.92 -17.25
N GLU A 196 4.77 35.92 -16.60
CA GLU A 196 4.90 35.47 -15.20
C GLU A 196 4.16 36.44 -14.27
N GLU A 197 4.05 37.72 -14.64
CA GLU A 197 3.29 38.73 -13.85
C GLU A 197 1.80 38.31 -13.78
N GLN A 198 1.22 37.91 -14.92
CA GLN A 198 -0.17 37.41 -14.99
C GLN A 198 -0.27 36.13 -14.14
N ARG A 199 0.69 35.22 -14.22
CA ARG A 199 0.63 33.93 -13.45
C ARG A 199 0.54 34.26 -11.94
N MET A 200 1.38 35.18 -11.46
CA MET A 200 1.44 35.57 -10.03
C MET A 200 0.13 36.28 -9.62
N GLU A 201 -0.44 37.12 -10.49
CA GLU A 201 -1.72 37.85 -10.17
C GLU A 201 -2.84 36.82 -10.05
N GLU A 202 -2.88 35.82 -10.93
CA GLU A 202 -3.98 34.81 -10.85
C GLU A 202 -3.76 33.93 -9.61
N LEU A 203 -2.53 33.57 -9.27
CA LEU A 203 -2.34 32.63 -8.12
C LEU A 203 -2.55 33.38 -6.79
N LYS A 204 -2.34 34.70 -6.79
CA LYS A 204 -2.73 35.56 -5.65
C LYS A 204 -4.23 35.42 -5.43
N GLY A 205 -5.03 35.43 -6.51
CA GLY A 205 -6.50 35.29 -6.45
C GLY A 205 -6.88 33.96 -5.83
N CYS A 206 -6.16 32.90 -6.20
CA CYS A 206 -6.38 31.53 -5.67
C CYS A 206 -6.16 31.53 -4.15
N VAL A 207 -5.03 32.07 -3.70
CA VAL A 207 -4.68 32.13 -2.25
C VAL A 207 -5.77 32.93 -1.52
N GLN A 208 -6.23 34.03 -2.10
CA GLN A 208 -7.26 34.91 -1.46
C GLN A 208 -8.59 34.13 -1.30
N TYR A 209 -9.02 33.40 -2.33
CA TYR A 209 -10.26 32.59 -2.33
C TYR A 209 -10.16 31.48 -1.24
N MET A 210 -9.10 30.69 -1.24
CA MET A 210 -8.89 29.58 -0.27
C MET A 210 -8.79 30.14 1.17
N THR A 211 -8.21 31.33 1.34
CA THR A 211 -8.12 31.99 2.68
C THR A 211 -9.55 32.27 3.21
N ARG A 212 -10.46 32.74 2.34
CA ARG A 212 -11.86 33.02 2.74
C ARG A 212 -12.51 31.70 3.17
N LEU A 213 -12.27 30.60 2.44
CA LEU A 213 -12.90 29.30 2.77
C LEU A 213 -12.33 28.82 4.13
N TRP A 214 -11.01 28.97 4.32
CA TRP A 214 -10.37 28.59 5.60
C TRP A 214 -11.05 29.35 6.76
N ASN A 215 -11.19 30.66 6.59
CA ASN A 215 -11.77 31.55 7.62
C ASN A 215 -13.24 31.20 7.89
N GLU A 216 -14.00 30.76 6.88
CA GLU A 216 -15.43 30.39 7.03
C GLU A 216 -15.56 29.04 7.72
N ARG A 217 -14.51 28.23 7.78
CA ARG A 217 -14.64 26.84 8.30
C ARG A 217 -13.92 26.64 9.62
N VAL A 218 -13.00 27.53 10.02
CA VAL A 218 -12.16 27.29 11.23
C VAL A 218 -12.93 27.61 12.52
N ASN A 219 -13.86 28.58 12.51
CA ASN A 219 -14.55 29.05 13.75
C ASN A 219 -15.94 28.43 13.88
N VAL A 220 -16.26 27.43 13.05
CA VAL A 220 -17.56 26.70 13.02
C VAL A 220 -17.24 25.22 13.21
N PRO A 221 -18.19 24.36 13.65
CA PRO A 221 -17.96 22.92 13.71
C PRO A 221 -17.58 22.31 12.36
N PRO A 222 -16.76 21.23 12.31
CA PRO A 222 -16.13 20.80 11.07
C PRO A 222 -17.19 20.43 10.02
N GLY A 223 -17.66 19.18 10.00
CA GLY A 223 -18.39 18.66 8.85
C GLY A 223 -17.47 18.15 7.77
N ASN A 224 -18.05 17.57 6.73
CA ASN A 224 -17.41 16.50 5.93
C ASN A 224 -16.91 17.15 4.64
N ASP A 225 -15.72 17.73 4.68
CA ASP A 225 -14.95 18.13 3.47
C ASP A 225 -13.50 18.30 3.89
N LEU A 226 -12.56 18.32 2.94
CA LEU A 226 -11.11 18.32 3.24
C LEU A 226 -10.66 19.65 3.84
N ILE A 227 -11.31 20.78 3.50
CA ILE A 227 -10.90 22.11 4.08
C ILE A 227 -11.25 22.10 5.57
N SER A 228 -12.46 21.66 5.94
CA SER A 228 -12.88 21.54 7.37
C SER A 228 -11.95 20.59 8.12
N MET A 229 -11.64 19.45 7.52
CA MET A 229 -10.73 18.46 8.16
C MET A 229 -9.38 19.11 8.44
N MET A 230 -8.76 19.77 7.46
CA MET A 230 -7.42 20.38 7.67
C MET A 230 -7.52 21.49 8.73
N ALA A 231 -8.57 22.32 8.69
CA ALA A 231 -8.76 23.49 9.58
C ALA A 231 -8.91 23.06 11.05
N HIS A 232 -9.35 21.83 11.29
CA HIS A 232 -9.59 21.30 12.66
C HIS A 232 -8.56 20.25 13.06
N THR A 233 -7.55 19.98 12.22
CA THR A 233 -6.52 18.96 12.58
C THR A 233 -5.45 19.60 13.47
N GLU A 234 -5.30 19.10 14.70
CA GLU A 234 -4.42 19.73 15.72
C GLU A 234 -2.99 19.82 15.16
N SER A 235 -2.51 18.79 14.47
CA SER A 235 -1.09 18.75 14.01
C SER A 235 -0.80 19.86 12.99
N MET A 236 -1.83 20.36 12.30
CA MET A 236 -1.61 21.38 11.26
C MET A 236 -1.50 22.79 11.84
N ARG A 237 -1.63 22.95 13.17
CA ARG A 237 -1.32 24.23 13.87
C ARG A 237 0.18 24.50 13.88
N ASN A 238 1.00 23.47 13.65
CA ASN A 238 2.48 23.58 13.62
C ASN A 238 2.99 23.94 12.21
N MET A 239 2.11 24.07 11.20
CA MET A 239 2.44 24.69 9.88
C MET A 239 2.28 26.20 10.03
N THR A 240 3.09 26.98 9.32
CA THR A 240 2.83 28.43 9.12
C THR A 240 1.58 28.61 8.26
N PRO A 241 0.90 29.78 8.29
CA PRO A 241 -0.22 30.01 7.39
C PRO A 241 0.18 29.82 5.91
N GLU A 242 1.40 30.25 5.55
CA GLU A 242 1.96 30.08 4.17
C GLU A 242 2.03 28.57 3.78
N GLU A 243 2.52 27.73 4.67
CA GLU A 243 2.65 26.27 4.44
C GLU A 243 1.25 25.63 4.39
N PHE A 244 0.34 26.00 5.29
CA PHE A 244 -1.06 25.49 5.33
C PHE A 244 -1.73 25.79 3.99
N LEU A 245 -1.69 27.04 3.53
CA LEU A 245 -2.29 27.44 2.22
C LEU A 245 -1.57 26.73 1.05
N GLY A 246 -0.23 26.66 1.08
CA GLY A 246 0.55 25.96 0.04
C GLY A 246 0.14 24.50 -0.06
N ASN A 247 -0.04 23.83 1.08
CA ASN A 247 -0.42 22.39 1.12
C ASN A 247 -1.88 22.23 0.65
N LEU A 248 -2.79 23.15 1.03
CA LEU A 248 -4.21 23.11 0.57
C LEU A 248 -4.26 23.22 -0.95
N ILE A 249 -3.52 24.16 -1.53
CA ILE A 249 -3.52 24.38 -3.00
C ILE A 249 -2.84 23.20 -3.71
N LEU A 250 -1.75 22.62 -3.15
CA LEU A 250 -1.16 21.38 -3.71
C LEU A 250 -2.23 20.30 -3.84
N LEU A 251 -3.07 20.13 -2.81
CA LEU A 251 -4.10 19.06 -2.81
C LEU A 251 -5.16 19.31 -3.88
N ILE A 252 -5.59 20.55 -4.09
CA ILE A 252 -6.56 20.81 -5.21
C ILE A 252 -5.92 20.55 -6.58
N VAL A 253 -4.75 21.14 -6.84
CA VAL A 253 -4.08 21.04 -8.17
C VAL A 253 -3.53 19.62 -8.43
N GLY A 254 -2.94 18.96 -7.43
CA GLY A 254 -2.24 17.67 -7.63
C GLY A 254 -3.10 16.57 -8.22
N GLY A 255 -4.41 16.57 -7.91
CA GLY A 255 -5.31 15.50 -8.37
C GLY A 255 -6.13 15.92 -9.58
N ASN A 256 -5.87 17.10 -10.16
CA ASN A 256 -6.77 17.61 -11.23
C ASN A 256 -6.30 17.08 -12.56
N ASP A 257 -5.22 17.63 -13.14
CA ASP A 257 -4.90 17.25 -14.54
C ASP A 257 -4.54 15.77 -14.62
N THR A 258 -3.93 15.20 -13.59
CA THR A 258 -3.56 13.75 -13.57
C THR A 258 -4.77 12.80 -13.73
N THR A 259 -5.84 13.01 -12.98
CA THR A 259 -7.09 12.22 -13.08
C THR A 259 -7.72 12.49 -14.46
N ARG A 260 -7.77 13.76 -14.85
CA ARG A 260 -8.40 14.19 -16.12
C ARG A 260 -7.76 13.42 -17.28
N ASN A 261 -6.43 13.46 -17.37
CA ASN A 261 -5.73 12.83 -18.51
C ASN A 261 -5.67 11.30 -18.39
N SER A 262 -5.82 10.71 -17.20
CA SER A 262 -6.05 9.25 -17.05
C SER A 262 -7.46 8.86 -17.55
N MET A 263 -8.48 9.66 -17.28
CA MET A 263 -9.85 9.43 -17.81
C MET A 263 -9.82 9.42 -19.34
N THR A 264 -9.15 10.39 -19.95
CA THR A 264 -9.10 10.50 -21.43
C THR A 264 -8.26 9.35 -22.01
N GLY A 265 -7.05 9.13 -21.45
CA GLY A 265 -6.09 8.11 -21.93
C GLY A 265 -6.70 6.70 -22.02
N GLY A 266 -7.49 6.30 -21.01
CA GLY A 266 -8.05 4.94 -21.00
C GLY A 266 -8.95 4.67 -22.21
N VAL A 267 -9.78 5.63 -22.57
CA VAL A 267 -10.67 5.50 -23.75
C VAL A 267 -9.80 5.38 -25.01
N LEU A 268 -8.76 6.19 -25.13
CA LEU A 268 -7.91 6.09 -26.34
C LEU A 268 -7.21 4.71 -26.39
N ALA A 269 -6.64 4.24 -25.28
CA ALA A 269 -5.89 2.98 -25.22
C ALA A 269 -6.80 1.81 -25.63
N LEU A 270 -8.05 1.78 -25.16
CA LEU A 270 -9.04 0.71 -25.50
C LEU A 270 -9.41 0.75 -26.99
N ASN A 271 -9.52 1.94 -27.59
CA ASN A 271 -9.77 2.10 -29.04
C ASN A 271 -8.56 1.68 -29.90
N GLU A 272 -7.33 1.95 -29.47
CA GLU A 272 -6.12 1.60 -30.23
C GLU A 272 -5.85 0.09 -30.05
N ASN A 273 -6.50 -0.55 -29.06
CA ASN A 273 -6.23 -1.96 -28.70
C ASN A 273 -7.54 -2.72 -28.58
N PRO A 274 -8.28 -2.95 -29.68
CA PRO A 274 -9.61 -3.56 -29.62
C PRO A 274 -9.68 -4.95 -28.97
N ASP A 275 -8.64 -5.77 -28.99
CA ASP A 275 -8.68 -7.10 -28.28
C ASP A 275 -8.76 -6.84 -26.78
N GLU A 276 -8.20 -5.74 -26.27
CA GLU A 276 -8.29 -5.41 -24.82
C GLU A 276 -9.70 -4.92 -24.49
N TYR A 277 -10.35 -4.19 -25.38
CA TYR A 277 -11.75 -3.71 -25.19
C TYR A 277 -12.67 -4.95 -25.11
N ARG A 278 -12.44 -5.94 -25.98
CA ARG A 278 -13.24 -7.20 -25.92
C ARG A 278 -13.01 -7.92 -24.58
N LYS A 279 -11.74 -8.06 -24.15
CA LYS A 279 -11.38 -8.71 -22.86
C LYS A 279 -12.12 -8.04 -21.69
N LEU A 280 -12.13 -6.70 -21.66
CA LEU A 280 -12.79 -5.92 -20.56
C LEU A 280 -14.30 -6.26 -20.52
N CYS A 281 -14.99 -6.16 -21.65
CA CYS A 281 -16.46 -6.32 -21.71
C CYS A 281 -16.84 -7.76 -21.32
N ALA A 282 -16.00 -8.75 -21.66
CA ALA A 282 -16.27 -10.17 -21.35
C ALA A 282 -16.06 -10.43 -19.86
N ASN A 283 -15.19 -9.67 -19.21
CA ASN A 283 -14.87 -9.84 -17.76
C ASN A 283 -14.67 -8.46 -17.12
N PRO A 284 -15.76 -7.75 -16.75
CA PRO A 284 -15.66 -6.43 -16.10
C PRO A 284 -14.85 -6.36 -14.79
N ALA A 285 -14.61 -7.52 -14.13
CA ALA A 285 -13.77 -7.54 -12.93
C ALA A 285 -12.33 -7.13 -13.30
N LEU A 286 -11.94 -7.17 -14.60
CA LEU A 286 -10.57 -6.74 -15.03
C LEU A 286 -10.39 -5.22 -14.88
N ILE A 287 -11.41 -4.44 -14.53
CA ILE A 287 -11.20 -3.03 -14.09
C ILE A 287 -10.07 -2.98 -13.04
N ALA A 288 -9.99 -3.96 -12.12
CA ALA A 288 -8.97 -4.00 -11.06
C ALA A 288 -7.54 -3.93 -11.62
N SER A 289 -7.22 -4.70 -12.67
CA SER A 289 -5.87 -4.76 -13.29
C SER A 289 -5.75 -3.71 -14.42
N MET A 290 -6.87 -3.23 -14.97
CA MET A 290 -6.84 -2.25 -16.10
C MET A 290 -6.45 -0.86 -15.58
N VAL A 291 -7.02 -0.39 -14.46
CA VAL A 291 -6.80 1.01 -14.01
C VAL A 291 -5.30 1.29 -13.79
N PRO A 292 -4.51 0.47 -13.03
CA PRO A 292 -3.07 0.67 -12.93
C PRO A 292 -2.35 0.66 -14.29
N GLU A 293 -2.80 -0.15 -15.25
CA GLU A 293 -2.20 -0.21 -16.61
C GLU A 293 -2.52 1.08 -17.40
N ILE A 294 -3.72 1.66 -17.26
CA ILE A 294 -4.04 2.99 -17.85
C ILE A 294 -3.07 4.03 -17.29
N VAL A 295 -2.83 4.03 -15.98
CA VAL A 295 -1.93 5.05 -15.36
C VAL A 295 -0.49 4.84 -15.85
N ARG A 296 -0.02 3.59 -16.01
CA ARG A 296 1.32 3.34 -16.57
C ARG A 296 1.38 3.81 -18.04
N TRP A 297 0.43 3.37 -18.87
CA TRP A 297 0.40 3.64 -20.33
C TRP A 297 0.33 5.15 -20.58
N GLN A 298 -0.51 5.86 -19.82
CA GLN A 298 -0.68 7.33 -19.96
C GLN A 298 0.56 8.10 -19.46
N THR A 299 1.08 7.78 -18.28
CA THR A 299 2.14 8.55 -17.57
C THR A 299 1.75 10.02 -17.52
N PRO A 300 0.64 10.39 -16.81
CA PRO A 300 0.09 11.75 -16.84
C PRO A 300 1.07 12.88 -16.48
N LEU A 301 2.05 12.61 -15.60
CA LEU A 301 3.19 13.54 -15.38
C LEU A 301 4.44 12.86 -15.94
N ALA A 302 4.99 13.41 -17.01
CA ALA A 302 6.07 12.80 -17.80
C ALA A 302 7.38 12.76 -17.00
N HIS A 303 7.59 13.70 -16.09
CA HIS A 303 8.79 13.73 -15.23
C HIS A 303 8.50 14.30 -13.82
N MET A 304 9.46 14.09 -12.94
CA MET A 304 9.70 14.96 -11.74
C MET A 304 11.20 15.33 -11.72
N ARG A 305 11.51 16.49 -11.17
CA ARG A 305 12.88 17.07 -11.10
C ARG A 305 13.46 16.98 -9.70
N ARG A 306 14.80 16.88 -9.67
CA ARG A 306 15.62 16.95 -8.43
C ARG A 306 16.79 17.89 -8.71
N THR A 307 17.46 18.30 -7.63
CA THR A 307 18.71 19.12 -7.71
C THR A 307 19.79 18.41 -6.86
N ALA A 308 20.99 18.21 -7.43
CA ALA A 308 22.04 17.44 -6.73
C ALA A 308 22.59 18.27 -5.55
N LEU A 309 22.63 17.67 -4.34
CA LEU A 309 23.21 18.35 -3.14
C LEU A 309 24.71 18.05 -2.99
N GLN A 310 25.22 17.06 -3.73
CA GLN A 310 26.63 16.66 -3.69
C GLN A 310 27.02 16.18 -5.08
N ASP A 311 28.32 16.20 -5.37
CA ASP A 311 28.85 15.51 -6.57
C ASP A 311 28.57 14.02 -6.35
N THR A 312 28.10 13.35 -7.39
CA THR A 312 27.70 11.92 -7.30
C THR A 312 27.90 11.22 -8.66
N GLU A 313 27.90 9.89 -8.67
CA GLU A 313 27.90 9.03 -9.88
C GLU A 313 26.52 8.43 -10.09
N LEU A 314 25.97 8.48 -11.32
CA LEU A 314 24.64 7.90 -11.64
C LEU A 314 24.75 7.27 -13.04
N GLY A 315 24.49 5.97 -13.18
CA GLY A 315 24.51 5.29 -14.48
C GLY A 315 25.77 5.52 -15.29
N GLY A 316 26.91 5.62 -14.62
CA GLY A 316 28.21 5.83 -15.28
C GLY A 316 28.54 7.29 -15.56
N LYS A 317 27.73 8.26 -15.10
CA LYS A 317 27.98 9.70 -15.37
C LYS A 317 28.32 10.44 -14.08
N SER A 318 29.19 11.42 -14.18
CA SER A 318 29.58 12.37 -13.10
C SER A 318 28.55 13.50 -13.02
N ILE A 319 27.72 13.47 -11.99
CA ILE A 319 26.76 14.59 -11.69
C ILE A 319 27.41 15.59 -10.72
N ARG A 320 27.34 16.88 -11.02
CA ARG A 320 27.92 17.89 -10.11
C ARG A 320 26.85 18.45 -9.13
N LYS A 321 27.29 18.81 -7.92
CA LYS A 321 26.45 19.59 -6.97
C LYS A 321 25.82 20.78 -7.69
N GLY A 322 24.49 20.92 -7.57
CA GLY A 322 23.71 22.00 -8.15
C GLY A 322 23.11 21.63 -9.50
N ASP A 323 23.45 20.48 -10.08
CA ASP A 323 22.90 20.12 -11.42
C ASP A 323 21.39 19.81 -11.33
N LYS A 324 20.68 20.14 -12.41
CA LYS A 324 19.23 19.78 -12.58
C LYS A 324 19.12 18.35 -13.14
N VAL A 325 18.41 17.48 -12.41
CA VAL A 325 18.33 16.03 -12.72
C VAL A 325 16.85 15.69 -12.96
N ILE A 326 16.55 15.25 -14.18
CA ILE A 326 15.16 14.98 -14.63
C ILE A 326 14.90 13.48 -14.64
N MET A 327 13.96 13.03 -13.79
CA MET A 327 13.46 11.64 -13.82
C MET A 327 12.33 11.51 -14.87
N TRP A 328 12.61 10.90 -16.01
CA TRP A 328 11.63 10.78 -17.10
C TRP A 328 10.81 9.49 -16.94
N TYR A 329 9.78 9.55 -16.12
CA TYR A 329 8.81 8.42 -15.98
C TYR A 329 8.25 7.99 -17.34
N VAL A 330 8.03 8.94 -18.26
CA VAL A 330 7.54 8.61 -19.63
C VAL A 330 8.48 7.57 -20.30
N SER A 331 9.80 7.62 -20.04
CA SER A 331 10.76 6.65 -20.62
C SER A 331 10.89 5.40 -19.74
N GLY A 332 10.93 5.58 -18.41
CA GLY A 332 11.07 4.44 -17.50
C GLY A 332 9.92 3.44 -17.61
N ASN A 333 8.69 3.94 -17.84
CA ASN A 333 7.48 3.09 -18.00
C ASN A 333 7.51 2.30 -19.32
N ARG A 334 8.41 2.64 -20.24
CA ARG A 334 8.60 1.90 -21.52
C ARG A 334 9.94 1.14 -21.57
N ASP A 335 10.58 0.88 -20.43
CA ASP A 335 11.93 0.27 -20.32
C ASP A 335 11.77 -1.24 -20.28
N PRO A 336 12.16 -1.98 -21.37
CA PRO A 336 11.94 -3.43 -21.40
C PRO A 336 12.83 -4.22 -20.43
N GLU A 337 13.84 -3.56 -19.86
CA GLU A 337 14.67 -4.15 -18.79
C GLU A 337 13.83 -4.38 -17.53
N ALA A 338 12.79 -3.57 -17.30
CA ALA A 338 11.99 -3.59 -16.06
C ALA A 338 10.58 -4.15 -16.32
N ILE A 339 10.00 -3.91 -17.50
CA ILE A 339 8.58 -4.25 -17.82
C ILE A 339 8.56 -5.10 -19.09
N GLU A 340 7.88 -6.24 -19.07
CA GLU A 340 7.74 -7.14 -20.24
C GLU A 340 6.83 -6.49 -21.29
N ASN A 341 7.26 -6.44 -22.54
CA ASN A 341 6.47 -5.89 -23.69
C ASN A 341 5.90 -4.53 -23.28
N PRO A 342 6.78 -3.56 -22.98
CA PRO A 342 6.37 -2.32 -22.31
C PRO A 342 5.53 -1.39 -23.20
N ASP A 343 5.64 -1.49 -24.52
CA ASP A 343 4.88 -0.57 -25.43
C ASP A 343 3.51 -1.17 -25.79
N ALA A 344 3.14 -2.34 -25.24
CA ALA A 344 1.78 -2.92 -25.38
C ALA A 344 0.90 -2.54 -24.17
N PHE A 345 -0.37 -2.24 -24.45
CA PHE A 345 -1.45 -2.03 -23.46
C PHE A 345 -2.08 -3.39 -23.17
N ILE A 346 -1.92 -3.89 -21.94
CA ILE A 346 -2.37 -5.26 -21.54
C ILE A 346 -3.11 -5.13 -20.21
N ILE A 347 -4.42 -5.40 -20.19
CA ILE A 347 -5.28 -5.01 -19.03
C ILE A 347 -5.28 -6.12 -17.96
N ASP A 348 -4.62 -7.26 -18.20
CA ASP A 348 -4.56 -8.38 -17.21
C ASP A 348 -3.10 -8.81 -16.98
N ARG A 349 -2.16 -7.87 -16.81
CA ARG A 349 -0.75 -8.18 -16.42
C ARG A 349 -0.74 -8.84 -15.03
N ALA A 350 0.25 -9.69 -14.77
CA ALA A 350 0.40 -10.42 -13.47
C ALA A 350 0.70 -9.42 -12.35
N LYS A 351 1.50 -8.38 -12.64
CA LYS A 351 1.87 -7.35 -11.64
C LYS A 351 1.61 -5.95 -12.21
N PRO A 352 0.33 -5.55 -12.31
CA PRO A 352 -0.02 -4.30 -13.00
C PRO A 352 0.43 -3.03 -12.27
N ARG A 353 0.81 -3.13 -11.00
CA ARG A 353 1.24 -1.94 -10.21
C ARG A 353 2.76 -1.71 -10.31
N HIS A 354 3.47 -2.50 -11.14
CA HIS A 354 4.92 -2.33 -11.41
C HIS A 354 5.17 -1.20 -12.42
N HIS A 355 5.12 0.07 -11.98
CA HIS A 355 5.30 1.26 -12.85
C HIS A 355 5.74 2.46 -12.01
N LEU A 356 6.09 3.56 -12.68
CA LEU A 356 6.69 4.77 -12.05
C LEU A 356 5.78 6.00 -12.19
N SER A 357 4.51 5.85 -12.56
CA SER A 357 3.63 7.04 -12.76
C SER A 357 3.31 7.81 -11.45
N PHE A 358 3.32 7.10 -10.32
CA PHE A 358 3.18 7.71 -8.97
C PHE A 358 4.55 7.92 -8.29
N GLY A 359 5.64 7.77 -9.02
CA GLY A 359 6.99 7.76 -8.43
C GLY A 359 7.19 6.65 -7.44
N PHE A 360 8.08 6.90 -6.49
CA PHE A 360 8.58 5.87 -5.56
C PHE A 360 9.35 6.56 -4.44
N GLY A 361 9.42 5.92 -3.26
CA GLY A 361 10.18 6.48 -2.13
C GLY A 361 9.35 7.41 -1.25
N ILE A 362 10.01 8.34 -0.54
CA ILE A 362 9.33 9.18 0.50
C ILE A 362 8.29 10.08 -0.15
N HIS A 363 8.44 10.44 -1.44
CA HIS A 363 7.48 11.37 -2.11
C HIS A 363 6.43 10.62 -2.95
N ARG A 364 6.43 9.27 -2.96
CA ARG A 364 5.43 8.47 -3.74
C ARG A 364 4.03 9.05 -3.52
N CYS A 365 3.28 9.30 -4.59
CA CYS A 365 1.96 9.96 -4.54
C CYS A 365 1.13 9.56 -3.30
N VAL A 366 0.84 10.53 -2.44
CA VAL A 366 0.06 10.33 -1.19
C VAL A 366 -1.43 10.09 -1.54
N GLY A 367 -1.88 10.57 -2.72
CA GLY A 367 -3.24 10.40 -3.25
C GLY A 367 -3.44 9.18 -4.14
N ASN A 368 -2.50 8.28 -4.31
CA ASN A 368 -2.56 7.23 -5.36
C ASN A 368 -3.79 6.32 -5.17
N ARG A 369 -4.11 5.89 -3.94
CA ARG A 369 -5.24 4.95 -3.75
C ARG A 369 -6.56 5.69 -3.99
N LEU A 370 -6.66 6.96 -3.60
CA LEU A 370 -7.89 7.75 -3.92
C LEU A 370 -8.03 7.95 -5.44
N ALA A 371 -6.93 8.25 -6.12
CA ALA A 371 -6.95 8.51 -7.58
C ALA A 371 -7.41 7.27 -8.32
N GLU A 372 -6.86 6.10 -7.99
CA GLU A 372 -7.29 4.85 -8.65
C GLU A 372 -8.76 4.53 -8.30
N LEU A 373 -9.22 4.81 -7.07
CA LEU A 373 -10.64 4.53 -6.73
C LEU A 373 -11.57 5.34 -7.64
N GLN A 374 -11.24 6.60 -7.86
CA GLN A 374 -12.06 7.48 -8.74
C GLN A 374 -12.13 6.86 -10.14
N LEU A 375 -11.00 6.42 -10.68
CA LEU A 375 -10.93 5.83 -12.06
C LEU A 375 -11.70 4.49 -12.13
N ARG A 376 -11.68 3.71 -11.06
CA ARG A 376 -12.52 2.49 -11.06
C ARG A 376 -14.03 2.86 -11.01
N ILE A 377 -14.41 3.83 -10.20
CA ILE A 377 -15.85 4.28 -10.12
C ILE A 377 -16.30 4.65 -11.55
N VAL A 378 -15.51 5.45 -12.27
CA VAL A 378 -15.87 5.90 -13.63
C VAL A 378 -16.07 4.68 -14.55
N TRP A 379 -15.13 3.73 -14.61
CA TRP A 379 -15.24 2.53 -15.47
C TRP A 379 -16.43 1.64 -15.07
N GLU A 380 -16.73 1.51 -13.77
CA GLU A 380 -17.91 0.71 -13.35
C GLU A 380 -19.16 1.36 -13.91
N GLU A 381 -19.30 2.67 -13.78
CA GLU A 381 -20.50 3.42 -14.20
C GLU A 381 -20.60 3.48 -15.74
N LEU A 382 -19.49 3.56 -16.45
CA LEU A 382 -19.49 3.53 -17.95
C LEU A 382 -20.02 2.15 -18.44
N LEU A 383 -19.50 1.05 -17.89
CA LEU A 383 -19.85 -0.32 -18.37
C LEU A 383 -21.29 -0.67 -17.94
N LYS A 384 -21.77 -0.09 -16.84
CA LYS A 384 -23.20 -0.27 -16.42
C LYS A 384 -24.12 0.23 -17.55
N ARG A 385 -23.77 1.32 -18.22
CA ARG A 385 -24.64 1.97 -19.23
C ARG A 385 -24.32 1.43 -20.62
N TRP A 386 -23.05 1.14 -20.91
CA TRP A 386 -22.52 0.79 -22.24
C TRP A 386 -21.63 -0.44 -22.11
N PRO A 387 -22.24 -1.64 -22.00
CA PRO A 387 -21.48 -2.84 -21.65
C PRO A 387 -20.75 -3.59 -22.78
N ASN A 388 -20.92 -3.19 -24.04
CA ASN A 388 -20.49 -4.00 -25.23
C ASN A 388 -19.26 -3.37 -25.87
N PRO A 389 -18.40 -4.19 -26.51
CA PRO A 389 -17.15 -3.69 -27.07
C PRO A 389 -17.39 -2.71 -28.23
N GLY A 390 -16.64 -1.61 -28.23
CA GLY A 390 -16.70 -0.56 -29.27
C GLY A 390 -17.83 0.44 -29.10
N GLN A 391 -18.67 0.39 -28.05
CA GLN A 391 -19.75 1.41 -27.87
C GLN A 391 -19.17 2.80 -27.59
N ILE A 392 -18.04 2.88 -26.89
CA ILE A 392 -17.33 4.18 -26.65
C ILE A 392 -16.22 4.33 -27.70
N GLU A 393 -16.53 5.02 -28.80
CA GLU A 393 -15.72 5.01 -30.03
C GLU A 393 -14.99 6.35 -30.25
N VAL A 394 -13.67 6.30 -30.30
CA VAL A 394 -12.84 7.46 -30.72
C VAL A 394 -13.04 7.58 -32.25
N VAL A 395 -13.44 8.77 -32.70
CA VAL A 395 -13.74 9.03 -34.13
C VAL A 395 -12.83 10.12 -34.70
N GLY A 396 -11.91 10.68 -33.92
CA GLY A 396 -10.96 11.67 -34.47
C GLY A 396 -9.66 11.73 -33.69
N ALA A 397 -8.65 12.46 -34.17
CA ALA A 397 -7.34 12.47 -33.50
C ALA A 397 -7.42 13.34 -32.26
N PRO A 398 -6.73 12.98 -31.16
CA PRO A 398 -6.62 13.90 -30.03
C PRO A 398 -5.71 15.09 -30.33
N GLU A 399 -6.00 16.25 -29.75
CA GLU A 399 -5.04 17.37 -29.64
C GLU A 399 -4.30 17.21 -28.31
N ARG A 400 -2.98 17.22 -28.34
CA ARG A 400 -2.17 16.99 -27.11
C ARG A 400 -1.67 18.31 -26.52
N VAL A 401 -1.32 18.31 -25.24
CA VAL A 401 -0.87 19.49 -24.46
C VAL A 401 0.58 19.83 -24.81
N LEU A 402 0.86 21.12 -24.96
CA LEU A 402 2.25 21.65 -25.17
C LEU A 402 2.97 21.84 -23.81
N SER A 403 3.62 20.77 -23.34
CA SER A 403 4.27 20.71 -22.01
C SER A 403 5.23 19.53 -21.99
N PRO A 404 6.41 19.66 -21.32
CA PRO A 404 7.26 18.52 -21.02
C PRO A 404 6.92 17.87 -19.66
N PHE A 405 5.94 18.42 -18.94
CA PHE A 405 5.53 18.00 -17.58
C PHE A 405 4.16 17.33 -17.62
N VAL A 406 3.15 18.06 -18.05
CA VAL A 406 1.78 17.51 -18.20
C VAL A 406 1.70 16.78 -19.54
N LYS A 407 1.49 15.47 -19.49
CA LYS A 407 1.36 14.61 -20.67
C LYS A 407 -0.13 14.29 -20.85
N GLY A 408 -0.80 15.06 -21.69
CA GLY A 408 -2.27 15.06 -21.67
C GLY A 408 -2.91 15.51 -22.98
N TYR A 409 -4.22 15.69 -22.92
CA TYR A 409 -5.09 15.94 -24.10
C TYR A 409 -5.98 17.15 -23.89
N GLU A 410 -5.99 18.06 -24.88
CA GLU A 410 -6.85 19.26 -24.92
C GLU A 410 -8.23 18.84 -25.46
N SER A 411 -8.30 17.84 -26.33
CA SER A 411 -9.57 17.37 -26.93
C SER A 411 -9.44 15.93 -27.43
N LEU A 412 -10.57 15.24 -27.50
CA LEU A 412 -10.69 13.88 -28.07
C LEU A 412 -12.11 13.67 -28.59
N PRO A 413 -12.33 13.64 -29.91
CA PRO A 413 -13.67 13.36 -30.46
C PRO A 413 -14.08 11.89 -30.25
N VAL A 414 -15.24 11.74 -29.60
CA VAL A 414 -15.85 10.43 -29.24
C VAL A 414 -17.33 10.45 -29.68
N ARG A 415 -17.83 9.27 -30.08
CA ARG A 415 -19.27 8.99 -30.30
C ARG A 415 -19.66 7.76 -29.48
N ILE A 416 -20.76 7.86 -28.71
CA ILE A 416 -21.27 6.67 -27.97
C ILE A 416 -22.36 6.02 -28.84
N ASN A 417 -22.15 4.77 -29.23
CA ASN A 417 -23.06 3.99 -30.13
C ASN A 417 -24.02 3.22 -29.21
N ALA A 418 -25.25 3.70 -29.02
CA ALA A 418 -26.20 3.03 -28.07
C ALA A 418 -27.68 3.17 -28.48
N ILE B 19 7.15 15.42 14.81
CA ILE B 19 8.32 15.85 15.64
C ILE B 19 7.87 16.58 16.90
N PRO B 20 6.81 17.42 16.96
CA PRO B 20 6.07 17.57 18.21
C PRO B 20 5.44 16.21 18.58
N LEU B 21 5.49 15.86 19.87
CA LEU B 21 5.09 14.54 20.42
C LEU B 21 3.63 14.32 20.03
N GLU B 22 2.83 15.38 20.20
CA GLU B 22 1.35 15.36 20.08
C GLU B 22 0.95 15.05 18.64
N ASP B 23 1.86 15.19 17.66
CA ASP B 23 1.62 15.00 16.20
C ASP B 23 2.15 13.66 15.63
N ILE B 24 2.61 12.74 16.45
CA ILE B 24 3.12 11.44 15.91
C ILE B 24 1.92 10.52 15.62
N ASP B 25 1.85 9.90 14.42
CA ASP B 25 0.84 8.83 14.08
C ASP B 25 1.57 7.52 13.74
N VAL B 26 1.87 6.70 14.76
CA VAL B 26 2.66 5.44 14.55
C VAL B 26 1.90 4.40 13.71
N SER B 27 0.58 4.54 13.58
CA SER B 27 -0.27 3.56 12.86
C SER B 27 -0.18 3.73 11.34
N ASN B 28 0.36 4.83 10.82
CA ASN B 28 0.37 5.09 9.35
C ASN B 28 1.00 3.88 8.63
N PRO B 29 0.25 3.17 7.78
CA PRO B 29 0.76 1.92 7.20
C PRO B 29 1.98 2.15 6.30
N GLU B 30 2.20 3.37 5.78
CA GLU B 30 3.43 3.67 4.98
C GLU B 30 4.68 3.42 5.82
N LEU B 31 4.64 3.69 7.14
CA LEU B 31 5.80 3.45 8.04
C LEU B 31 6.17 1.96 8.06
N PHE B 32 5.19 1.08 7.95
CA PHE B 32 5.42 -0.39 7.95
C PHE B 32 5.92 -0.81 6.57
N ARG B 33 5.33 -0.29 5.49
CA ARG B 33 5.79 -0.65 4.12
C ARG B 33 7.24 -0.18 3.90
N ASP B 34 7.61 0.96 4.49
CA ASP B 34 8.95 1.56 4.28
C ASP B 34 9.93 1.14 5.36
N ASN B 35 9.50 0.39 6.40
CA ASN B 35 10.39 -0.06 7.50
C ASN B 35 10.99 1.15 8.28
N THR B 36 10.22 2.22 8.44
CA THR B 36 10.64 3.47 9.14
C THR B 36 9.85 3.70 10.43
N MET B 37 9.05 2.75 10.90
CA MET B 37 8.26 2.99 12.14
C MET B 37 9.17 3.02 13.39
N TRP B 38 10.36 2.42 13.35
CA TRP B 38 11.18 2.13 14.56
C TRP B 38 11.48 3.42 15.37
N GLY B 39 11.90 4.47 14.67
CA GLY B 39 12.24 5.77 15.30
C GLY B 39 11.10 6.40 16.07
N TYR B 40 9.88 6.32 15.54
CA TYR B 40 8.67 6.92 16.15
C TYR B 40 8.33 6.13 17.43
N PHE B 41 8.37 4.79 17.36
CA PHE B 41 8.12 3.93 18.55
C PHE B 41 9.18 4.18 19.63
N GLU B 42 10.44 4.33 19.26
CA GLU B 42 11.50 4.64 20.27
C GLU B 42 11.20 5.96 20.99
N ARG B 43 10.83 7.01 20.26
CA ARG B 43 10.51 8.32 20.88
C ARG B 43 9.34 8.18 21.86
N LEU B 44 8.28 7.43 21.52
CA LEU B 44 7.14 7.24 22.47
C LEU B 44 7.58 6.46 23.71
N ARG B 45 8.32 5.37 23.55
CA ARG B 45 8.80 4.56 24.71
C ARG B 45 9.55 5.48 25.71
N ARG B 46 10.37 6.40 25.21
CA ARG B 46 11.24 7.26 26.06
C ARG B 46 10.49 8.44 26.65
N GLU B 47 9.62 9.10 25.87
CA GLU B 47 9.02 10.42 26.21
C GLU B 47 7.52 10.33 26.56
N ASP B 48 6.76 9.35 26.04
CA ASP B 48 5.30 9.31 26.33
C ASP B 48 4.78 7.90 26.07
N PRO B 49 5.14 6.93 26.93
CA PRO B 49 4.95 5.52 26.61
C PRO B 49 3.50 5.04 26.50
N VAL B 50 2.56 5.75 27.12
CA VAL B 50 1.09 5.55 26.95
C VAL B 50 0.57 6.83 26.28
N HIS B 51 0.44 6.81 24.97
CA HIS B 51 0.33 8.01 24.10
C HIS B 51 -1.02 8.05 23.37
N TYR B 52 -1.74 9.17 23.51
CA TYR B 52 -3.03 9.39 22.80
C TYR B 52 -2.75 10.08 21.45
N CYS B 53 -3.31 9.50 20.38
CA CYS B 53 -3.27 10.07 19.00
C CYS B 53 -4.70 10.46 18.56
N LYS B 54 -4.92 11.70 18.12
CA LYS B 54 -6.28 12.17 17.78
C LYS B 54 -6.66 11.87 16.32
N ASP B 55 -5.70 11.80 15.40
CA ASP B 55 -5.97 11.79 13.94
C ASP B 55 -5.11 10.73 13.25
N SER B 56 -5.74 9.86 12.48
CA SER B 56 -5.07 8.75 11.77
C SER B 56 -5.98 8.20 10.67
N LEU B 57 -5.55 7.17 9.95
CA LEU B 57 -6.45 6.42 9.02
C LEU B 57 -7.59 5.74 9.80
N PHE B 58 -7.44 5.59 11.13
CA PHE B 58 -8.22 4.68 11.99
C PHE B 58 -8.92 5.44 13.12
N GLY B 59 -9.01 6.76 13.01
CA GLY B 59 -9.54 7.58 14.12
C GLY B 59 -8.60 7.67 15.33
N PRO B 60 -9.12 8.10 16.51
CA PRO B 60 -8.29 8.23 17.71
C PRO B 60 -7.95 6.90 18.41
N TYR B 61 -6.78 6.82 19.01
CA TYR B 61 -6.36 5.58 19.73
C TYR B 61 -5.24 5.87 20.72
N TRP B 62 -5.18 5.04 21.76
CA TRP B 62 -4.03 4.97 22.69
C TRP B 62 -3.00 3.97 22.16
N SER B 63 -1.72 4.31 22.26
CA SER B 63 -0.57 3.44 21.95
C SER B 63 0.06 2.98 23.26
N VAL B 64 0.15 1.67 23.48
CA VAL B 64 0.89 1.05 24.61
C VAL B 64 2.21 0.47 24.07
N THR B 65 3.35 1.09 24.39
CA THR B 65 4.63 0.92 23.64
C THR B 65 5.71 0.16 24.44
N LYS B 66 5.57 0.04 25.75
CA LYS B 66 6.54 -0.66 26.65
C LYS B 66 6.07 -2.09 26.93
N PHE B 67 7.04 -2.99 27.04
CA PHE B 67 6.84 -4.41 27.36
C PHE B 67 5.98 -4.56 28.63
N LYS B 68 6.35 -3.90 29.75
CA LYS B 68 5.63 -4.08 31.05
C LYS B 68 4.17 -3.60 30.97
N ASP B 69 3.90 -2.53 30.20
CA ASP B 69 2.56 -1.91 30.10
C ASP B 69 1.70 -2.82 29.21
N ILE B 70 2.27 -3.45 28.17
CA ILE B 70 1.52 -4.43 27.33
C ILE B 70 1.09 -5.61 28.23
N MET B 71 2.02 -6.14 29.04
CA MET B 71 1.72 -7.26 29.98
C MET B 71 0.58 -6.89 30.93
N GLN B 72 0.57 -5.66 31.45
CA GLN B 72 -0.50 -5.14 32.34
C GLN B 72 -1.86 -5.17 31.60
N VAL B 73 -1.90 -4.73 30.35
CA VAL B 73 -3.19 -4.78 29.57
C VAL B 73 -3.61 -6.23 29.31
N GLU B 74 -2.70 -7.07 28.80
CA GLU B 74 -2.99 -8.50 28.44
C GLU B 74 -3.63 -9.22 29.65
N THR B 75 -3.07 -9.00 30.83
CA THR B 75 -3.48 -9.74 32.09
C THR B 75 -4.67 -9.11 32.81
N HIS B 76 -5.31 -8.03 32.29
CA HIS B 76 -6.53 -7.44 32.87
C HIS B 76 -7.67 -7.39 31.85
N PRO B 77 -8.17 -8.55 31.37
CA PRO B 77 -9.32 -8.59 30.45
C PRO B 77 -10.65 -8.08 31.04
N GLU B 78 -10.76 -7.99 32.37
CA GLU B 78 -11.95 -7.44 33.09
C GLU B 78 -12.01 -5.92 32.91
N ILE B 79 -10.89 -5.27 32.54
CA ILE B 79 -10.85 -3.81 32.23
C ILE B 79 -10.71 -3.62 30.71
N PHE B 80 -9.80 -4.38 30.09
CA PHE B 80 -9.42 -4.19 28.66
C PHE B 80 -10.02 -5.35 27.86
N SER B 81 -11.20 -5.12 27.27
CA SER B 81 -12.08 -6.11 26.61
C SER B 81 -11.57 -6.42 25.20
N SER B 82 -11.79 -7.67 24.75
CA SER B 82 -11.51 -8.10 23.37
C SER B 82 -12.77 -8.07 22.48
N GLU B 83 -13.93 -7.75 23.03
CA GLU B 83 -15.23 -7.91 22.33
C GLU B 83 -15.28 -6.99 21.11
N GLY B 84 -15.72 -7.50 19.98
CA GLY B 84 -16.14 -6.65 18.85
C GLY B 84 -15.08 -6.54 17.76
N ASN B 85 -13.79 -6.45 18.11
CA ASN B 85 -12.68 -6.20 17.15
C ASN B 85 -11.36 -6.30 17.92
N ILE B 86 -10.39 -7.08 17.42
CA ILE B 86 -9.03 -7.05 18.08
C ILE B 86 -7.96 -6.45 17.15
N THR B 87 -8.37 -5.62 16.19
CA THR B 87 -7.45 -4.83 15.33
C THR B 87 -7.76 -3.32 15.48
N ILE B 88 -6.87 -2.50 14.96
CA ILE B 88 -7.05 -1.02 14.91
C ILE B 88 -8.05 -0.64 13.79
N MET B 89 -8.31 -1.50 12.79
CA MET B 89 -9.06 -1.11 11.55
C MET B 89 -10.52 -0.83 11.86
N GLU B 90 -11.08 0.26 11.30
CA GLU B 90 -12.50 0.62 11.55
C GLU B 90 -13.38 0.48 10.29
N SER B 91 -12.82 0.43 9.06
CA SER B 91 -13.62 0.36 7.80
C SER B 91 -13.59 -1.03 7.16
N ASN B 92 -12.87 -1.97 7.77
CA ASN B 92 -12.73 -3.37 7.28
C ASN B 92 -13.97 -4.13 7.81
N ALA B 93 -14.88 -4.57 6.91
CA ALA B 93 -16.13 -5.25 7.29
C ALA B 93 -15.95 -6.71 7.76
N ALA B 94 -14.77 -7.30 7.64
CA ALA B 94 -14.49 -8.70 8.04
C ALA B 94 -14.02 -8.76 9.49
N VAL B 95 -13.18 -7.82 9.93
CA VAL B 95 -12.56 -7.91 11.31
C VAL B 95 -13.61 -7.63 12.41
N THR B 96 -14.79 -7.09 12.08
CA THR B 96 -15.91 -6.93 13.05
C THR B 96 -16.87 -8.13 13.04
N LEU B 97 -16.60 -9.20 12.30
CA LEU B 97 -17.46 -10.42 12.33
C LEU B 97 -17.24 -11.09 13.67
N PRO B 98 -18.24 -11.78 14.25
CA PRO B 98 -18.01 -12.50 15.50
C PRO B 98 -16.94 -13.61 15.42
N MET B 99 -16.06 -13.72 16.44
CA MET B 99 -14.95 -14.72 16.40
C MET B 99 -14.41 -14.87 17.84
N PHE B 100 -13.92 -16.04 18.26
CA PHE B 100 -13.65 -16.27 19.71
C PHE B 100 -12.44 -15.45 20.18
N ILE B 101 -11.53 -15.03 19.26
CA ILE B 101 -10.41 -14.12 19.69
C ILE B 101 -11.02 -12.79 20.14
N ALA B 102 -12.15 -12.34 19.57
CA ALA B 102 -12.77 -11.02 19.88
C ALA B 102 -13.94 -11.24 20.84
N MET B 103 -13.64 -11.89 21.96
CA MET B 103 -14.68 -12.39 22.89
C MET B 103 -14.06 -12.52 24.28
N ASP B 104 -14.84 -12.21 25.30
CA ASP B 104 -14.43 -12.27 26.72
C ASP B 104 -14.95 -13.60 27.32
N PRO B 105 -14.40 -14.01 28.47
CA PRO B 105 -14.92 -15.16 29.21
C PRO B 105 -16.37 -14.90 29.61
N PRO B 106 -17.22 -15.93 29.88
CA PRO B 106 -16.81 -17.35 29.78
C PRO B 106 -16.83 -17.98 28.38
N LYS B 107 -17.58 -17.45 27.43
CA LYS B 107 -17.78 -18.21 26.17
C LYS B 107 -16.45 -18.27 25.42
N HIS B 108 -15.58 -17.26 25.57
CA HIS B 108 -14.21 -17.33 24.99
C HIS B 108 -13.54 -18.66 25.34
N ASP B 109 -13.56 -19.03 26.61
CA ASP B 109 -12.75 -20.14 27.16
C ASP B 109 -13.21 -21.47 26.56
N VAL B 110 -14.52 -21.65 26.41
CA VAL B 110 -15.12 -22.91 25.88
C VAL B 110 -14.70 -23.04 24.41
N GLN B 111 -14.78 -21.94 23.64
CA GLN B 111 -14.53 -22.01 22.17
C GLN B 111 -13.01 -22.17 21.91
N ARG B 112 -12.16 -21.53 22.70
CA ARG B 112 -10.68 -21.72 22.59
C ARG B 112 -10.34 -23.21 22.85
N MET B 113 -10.89 -23.79 23.92
CA MET B 113 -10.55 -25.20 24.28
C MET B 113 -11.03 -26.17 23.18
N ALA B 114 -12.13 -25.88 22.48
CA ALA B 114 -12.71 -26.74 21.43
C ALA B 114 -11.74 -26.95 20.25
N VAL B 115 -10.98 -25.94 19.82
CA VAL B 115 -10.05 -26.14 18.66
C VAL B 115 -8.64 -26.57 19.10
N SER B 116 -8.29 -26.54 20.40
CA SER B 116 -6.92 -26.83 20.90
C SER B 116 -6.45 -28.24 20.53
N PRO B 117 -7.28 -29.30 20.48
CA PRO B 117 -6.81 -30.61 20.03
C PRO B 117 -6.18 -30.64 18.63
N ILE B 118 -6.64 -29.73 17.75
CA ILE B 118 -6.26 -29.78 16.29
C ILE B 118 -4.98 -28.96 16.10
N VAL B 119 -4.91 -27.79 16.72
CA VAL B 119 -3.75 -26.87 16.49
C VAL B 119 -2.61 -27.13 17.50
N ALA B 120 -2.90 -27.80 18.63
CA ALA B 120 -1.91 -28.10 19.67
C ALA B 120 -2.17 -29.51 20.19
N PRO B 121 -1.98 -30.52 19.32
CA PRO B 121 -2.29 -31.90 19.67
C PRO B 121 -1.33 -32.44 20.75
N GLU B 122 -1.72 -33.52 21.42
CA GLU B 122 -0.93 -34.09 22.55
C GLU B 122 0.48 -34.46 22.07
N ASN B 123 0.59 -34.98 20.85
CA ASN B 123 1.85 -35.52 20.29
C ASN B 123 2.08 -35.01 18.87
N LEU B 124 3.17 -34.27 18.62
CA LEU B 124 3.46 -33.65 17.28
C LEU B 124 4.30 -34.55 16.38
N ALA B 125 4.61 -35.78 16.76
CA ALA B 125 5.47 -36.69 15.97
C ALA B 125 4.87 -36.93 14.58
N LYS B 126 3.55 -37.14 14.45
CA LYS B 126 2.91 -37.42 13.13
C LYS B 126 3.06 -36.18 12.23
N LEU B 127 2.78 -34.98 12.77
CA LEU B 127 2.80 -33.73 11.95
C LEU B 127 4.26 -33.46 11.57
N GLU B 128 5.24 -33.76 12.45
CA GLU B 128 6.68 -33.59 12.16
C GLU B 128 7.06 -34.37 10.88
N GLY B 129 6.73 -35.65 10.78
CA GLY B 129 7.04 -36.48 9.61
C GLY B 129 6.41 -35.93 8.34
N LEU B 130 5.16 -35.50 8.41
CA LEU B 130 4.44 -34.95 7.24
C LEU B 130 5.12 -33.65 6.76
N ILE B 131 5.34 -32.75 7.71
CA ILE B 131 5.89 -31.39 7.40
C ILE B 131 7.29 -31.57 6.79
N ARG B 132 8.06 -32.47 7.36
CA ARG B 132 9.45 -32.73 6.88
C ARG B 132 9.41 -33.25 5.46
N GLU B 133 8.52 -34.20 5.10
CA GLU B 133 8.44 -34.74 3.71
C GLU B 133 8.09 -33.58 2.76
N ARG B 134 7.11 -32.75 3.13
CA ARG B 134 6.62 -31.66 2.25
C ARG B 134 7.75 -30.61 2.12
N THR B 135 8.43 -30.31 3.23
CA THR B 135 9.53 -29.31 3.24
C THR B 135 10.65 -29.77 2.29
N GLY B 136 11.10 -31.02 2.43
CA GLY B 136 12.15 -31.57 1.55
C GLY B 136 11.79 -31.47 0.09
N ARG B 137 10.57 -31.87 -0.28
CA ARG B 137 10.07 -31.84 -1.67
C ARG B 137 10.09 -30.39 -2.20
N ALA B 138 9.62 -29.43 -1.40
CA ALA B 138 9.63 -28.01 -1.82
C ALA B 138 11.08 -27.55 -2.08
N LEU B 139 12.02 -27.84 -1.19
CA LEU B 139 13.41 -27.33 -1.34
C LEU B 139 14.11 -28.04 -2.52
N ASP B 140 13.79 -29.31 -2.75
CA ASP B 140 14.42 -30.08 -3.88
C ASP B 140 13.94 -29.50 -5.21
N GLY B 141 12.80 -28.78 -5.23
CA GLY B 141 12.26 -28.15 -6.45
C GLY B 141 12.74 -26.73 -6.73
N LEU B 142 13.56 -26.11 -5.87
CA LEU B 142 13.99 -24.70 -6.07
C LEU B 142 15.02 -24.61 -7.18
N PRO B 143 14.98 -23.54 -7.99
CA PRO B 143 16.04 -23.32 -8.97
C PRO B 143 17.35 -22.97 -8.24
N ILE B 144 18.48 -23.30 -8.87
CA ILE B 144 19.85 -23.12 -8.31
C ILE B 144 20.61 -22.15 -9.21
N ASN B 145 21.35 -21.21 -8.60
CA ASN B 145 22.13 -20.16 -9.32
C ASN B 145 21.19 -19.28 -10.14
N GLU B 146 19.92 -19.13 -9.72
CA GLU B 146 18.88 -18.37 -10.46
C GLU B 146 17.96 -17.66 -9.45
N THR B 147 17.64 -16.40 -9.70
CA THR B 147 16.82 -15.55 -8.79
C THR B 147 15.38 -16.07 -8.86
N PHE B 148 14.76 -16.33 -7.71
CA PHE B 148 13.33 -16.69 -7.62
C PHE B 148 12.73 -15.90 -6.44
N ASP B 149 11.40 -15.97 -6.32
CA ASP B 149 10.65 -15.28 -5.26
C ASP B 149 10.49 -16.24 -4.10
N TRP B 150 11.22 -16.03 -3.01
CA TRP B 150 11.16 -16.92 -1.81
C TRP B 150 9.70 -16.99 -1.28
N VAL B 151 8.95 -15.89 -1.32
CA VAL B 151 7.60 -15.83 -0.69
C VAL B 151 6.69 -16.81 -1.44
N LYS B 152 6.77 -16.83 -2.78
CA LYS B 152 5.91 -17.73 -3.61
C LYS B 152 6.39 -19.18 -3.46
N LEU B 153 7.66 -19.49 -3.70
CA LEU B 153 8.11 -20.91 -3.84
C LEU B 153 8.36 -21.60 -2.51
N VAL B 154 8.57 -20.86 -1.41
CA VAL B 154 8.86 -21.50 -0.10
C VAL B 154 7.75 -21.15 0.91
N SER B 155 7.63 -19.87 1.27
CA SER B 155 6.80 -19.46 2.42
C SER B 155 5.31 -19.78 2.19
N ILE B 156 4.73 -19.28 1.12
CA ILE B 156 3.27 -19.50 0.84
C ILE B 156 3.09 -21.02 0.61
N ASN B 157 3.94 -21.62 -0.21
CA ASN B 157 3.85 -23.05 -0.59
C ASN B 157 3.64 -23.95 0.64
N LEU B 158 4.58 -23.92 1.57
CA LEU B 158 4.60 -24.82 2.75
C LEU B 158 3.46 -24.46 3.72
N THR B 159 3.26 -23.17 4.01
CA THR B 159 2.30 -22.79 5.09
C THR B 159 0.85 -23.04 4.62
N THR B 160 0.56 -22.89 3.33
CA THR B 160 -0.79 -23.17 2.77
C THR B 160 -1.01 -24.69 2.84
N GLN B 161 0.01 -25.52 2.58
CA GLN B 161 -0.16 -27.01 2.67
C GLN B 161 -0.49 -27.37 4.13
N MET B 162 0.15 -26.73 5.10
CA MET B 162 -0.15 -27.03 6.53
C MET B 162 -1.59 -26.62 6.88
N LEU B 163 -2.02 -25.43 6.49
CA LEU B 163 -3.39 -24.97 6.78
C LEU B 163 -4.40 -25.95 6.13
N ALA B 164 -4.15 -26.40 4.91
CA ALA B 164 -5.07 -27.36 4.26
C ALA B 164 -5.22 -28.63 5.14
N THR B 165 -4.13 -29.15 5.74
CA THR B 165 -4.18 -30.31 6.68
C THR B 165 -5.05 -30.00 7.90
N LEU B 166 -4.94 -28.83 8.53
CA LEU B 166 -5.74 -28.46 9.72
C LEU B 166 -7.25 -28.51 9.37
N PHE B 167 -7.62 -28.12 8.15
CA PHE B 167 -9.03 -28.03 7.70
C PHE B 167 -9.52 -29.34 7.03
N ASP B 168 -8.65 -30.33 6.85
CA ASP B 168 -8.87 -31.44 5.86
C ASP B 168 -9.48 -30.87 4.57
N PHE B 169 -8.83 -29.85 4.02
CA PHE B 169 -9.34 -29.03 2.90
C PHE B 169 -9.03 -29.75 1.59
N PRO B 170 -9.94 -29.81 0.61
CA PRO B 170 -9.65 -30.44 -0.69
C PRO B 170 -8.32 -29.95 -1.28
N TRP B 171 -7.36 -30.89 -1.40
CA TRP B 171 -5.94 -30.57 -1.64
C TRP B 171 -5.75 -29.72 -2.90
N GLU B 172 -6.43 -30.04 -4.00
CA GLU B 172 -6.26 -29.35 -5.30
C GLU B 172 -6.77 -27.89 -5.24
N ASP B 173 -7.63 -27.56 -4.28
CA ASP B 173 -8.23 -26.21 -4.12
C ASP B 173 -7.49 -25.38 -3.04
N ARG B 174 -6.32 -25.79 -2.55
CA ARG B 174 -5.69 -25.16 -1.34
C ARG B 174 -5.30 -23.69 -1.60
N ALA B 175 -5.05 -23.26 -2.83
CA ALA B 175 -4.70 -21.86 -3.13
C ALA B 175 -5.85 -20.92 -2.77
N LYS B 176 -7.10 -21.41 -2.67
CA LYS B 176 -8.26 -20.61 -2.21
C LYS B 176 -8.01 -20.10 -0.79
N LEU B 177 -7.40 -20.93 0.06
CA LEU B 177 -7.04 -20.56 1.47
C LEU B 177 -6.08 -19.34 1.48
N THR B 178 -5.05 -19.34 0.65
CA THR B 178 -4.09 -18.20 0.54
C THR B 178 -4.85 -16.91 0.15
N ARG B 179 -5.73 -17.02 -0.84
CA ARG B 179 -6.48 -15.86 -1.38
C ARG B 179 -7.40 -15.33 -0.27
N TRP B 180 -8.19 -16.21 0.37
CA TRP B 180 -9.14 -15.75 1.45
C TRP B 180 -8.36 -15.05 2.58
N SER B 181 -7.18 -15.58 2.94
CA SER B 181 -6.30 -15.00 4.00
C SER B 181 -5.96 -13.55 3.64
N ASP B 182 -5.49 -13.35 2.42
CA ASP B 182 -5.05 -12.02 1.94
C ASP B 182 -6.23 -11.05 1.90
N VAL B 183 -7.38 -11.54 1.47
CA VAL B 183 -8.61 -10.73 1.35
C VAL B 183 -9.05 -10.26 2.75
N ALA B 184 -8.92 -11.10 3.78
CA ALA B 184 -9.44 -10.76 5.12
C ALA B 184 -8.71 -9.55 5.70
N THR B 185 -7.40 -9.38 5.47
CA THR B 185 -6.61 -8.33 6.20
C THR B 185 -6.22 -7.14 5.29
N ALA B 186 -6.36 -7.22 3.98
CA ALA B 186 -5.79 -6.19 3.10
C ALA B 186 -6.48 -4.83 3.31
N LEU B 187 -5.70 -3.75 3.21
CA LEU B 187 -6.30 -2.40 2.97
C LEU B 187 -6.82 -2.39 1.51
N VAL B 188 -7.83 -1.60 1.24
CA VAL B 188 -8.35 -1.42 -0.15
C VAL B 188 -7.27 -0.75 -1.02
N GLY B 189 -7.18 -1.17 -2.30
CA GLY B 189 -6.36 -0.49 -3.31
C GLY B 189 -4.88 -0.84 -3.26
N THR B 190 -4.50 -1.97 -2.65
CA THR B 190 -3.08 -2.42 -2.63
C THR B 190 -2.82 -3.53 -3.63
N GLY B 191 -3.83 -3.95 -4.38
CA GLY B 191 -3.69 -5.00 -5.42
C GLY B 191 -4.44 -6.29 -5.06
N ILE B 192 -5.09 -6.37 -3.90
CA ILE B 192 -5.91 -7.56 -3.48
C ILE B 192 -7.42 -7.31 -3.69
N ILE B 193 -8.01 -6.31 -3.04
CA ILE B 193 -9.47 -5.95 -3.17
C ILE B 193 -9.61 -4.47 -3.44
N ASP B 194 -10.67 -4.10 -4.14
CA ASP B 194 -10.90 -2.69 -4.55
C ASP B 194 -11.91 -1.98 -3.67
N SER B 195 -12.65 -2.71 -2.83
CA SER B 195 -13.76 -2.16 -2.01
C SER B 195 -14.13 -3.14 -0.89
N GLU B 196 -14.88 -2.67 0.09
CA GLU B 196 -15.47 -3.57 1.13
C GLU B 196 -16.53 -4.49 0.50
N GLU B 197 -17.23 -4.03 -0.54
CA GLU B 197 -18.20 -4.88 -1.28
C GLU B 197 -17.49 -6.08 -1.91
N GLN B 198 -16.35 -5.88 -2.57
CA GLN B 198 -15.54 -6.98 -3.16
C GLN B 198 -15.04 -7.88 -2.02
N ARG B 199 -14.54 -7.30 -0.91
CA ARG B 199 -14.02 -8.12 0.23
C ARG B 199 -15.11 -9.13 0.68
N MET B 200 -16.32 -8.64 0.90
CA MET B 200 -17.39 -9.47 1.51
C MET B 200 -17.99 -10.39 0.44
N GLU B 201 -17.94 -10.06 -0.87
CA GLU B 201 -18.42 -10.98 -1.93
C GLU B 201 -17.41 -12.15 -1.99
N GLU B 202 -16.10 -11.89 -1.86
CA GLU B 202 -15.15 -13.03 -1.90
C GLU B 202 -15.33 -13.89 -0.63
N LEU B 203 -15.52 -13.25 0.51
CA LEU B 203 -15.59 -14.03 1.79
C LEU B 203 -16.94 -14.77 1.89
N LYS B 204 -17.98 -14.30 1.20
CA LYS B 204 -19.23 -15.06 1.03
C LYS B 204 -18.92 -16.41 0.34
N GLY B 205 -18.03 -16.44 -0.65
CA GLY B 205 -17.57 -17.66 -1.34
C GLY B 205 -16.87 -18.60 -0.35
N CYS B 206 -16.06 -18.03 0.55
CA CYS B 206 -15.38 -18.80 1.62
C CYS B 206 -16.45 -19.49 2.50
N VAL B 207 -17.41 -18.73 3.04
CA VAL B 207 -18.39 -19.34 3.99
C VAL B 207 -19.26 -20.36 3.23
N GLN B 208 -19.59 -20.15 1.95
CA GLN B 208 -20.37 -21.15 1.16
C GLN B 208 -19.58 -22.44 0.99
N TYR B 209 -18.30 -22.36 0.62
CA TYR B 209 -17.43 -23.56 0.43
C TYR B 209 -17.34 -24.34 1.77
N MET B 210 -16.96 -23.64 2.87
CA MET B 210 -16.77 -24.27 4.19
C MET B 210 -18.10 -24.86 4.74
N THR B 211 -19.22 -24.26 4.39
CA THR B 211 -20.57 -24.77 4.81
C THR B 211 -20.84 -26.13 4.14
N ARG B 212 -20.39 -26.35 2.90
CA ARG B 212 -20.55 -27.68 2.25
C ARG B 212 -19.75 -28.71 3.07
N LEU B 213 -18.53 -28.37 3.52
CA LEU B 213 -17.70 -29.30 4.32
C LEU B 213 -18.39 -29.51 5.68
N TRP B 214 -18.93 -28.46 6.29
CA TRP B 214 -19.67 -28.57 7.56
C TRP B 214 -20.81 -29.58 7.40
N ASN B 215 -21.59 -29.48 6.34
CA ASN B 215 -22.81 -30.30 6.14
C ASN B 215 -22.41 -31.77 5.99
N GLU B 216 -21.24 -32.03 5.42
CA GLU B 216 -20.65 -33.39 5.29
C GLU B 216 -20.14 -33.92 6.62
N ARG B 217 -19.86 -33.10 7.63
CA ARG B 217 -19.14 -33.55 8.85
C ARG B 217 -19.98 -33.43 10.13
N VAL B 218 -21.15 -32.76 10.11
CA VAL B 218 -21.87 -32.38 11.38
C VAL B 218 -22.62 -33.60 11.96
N ASN B 219 -23.16 -34.49 11.12
CA ASN B 219 -24.06 -35.59 11.59
C ASN B 219 -23.28 -36.90 11.71
N VAL B 220 -21.94 -36.89 11.66
CA VAL B 220 -21.11 -38.09 12.02
C VAL B 220 -20.10 -37.70 13.08
N PRO B 221 -19.46 -38.68 13.77
CA PRO B 221 -18.47 -38.38 14.81
C PRO B 221 -17.27 -37.58 14.28
N PRO B 222 -16.67 -36.70 15.11
CA PRO B 222 -15.78 -35.67 14.59
C PRO B 222 -14.55 -36.32 13.96
N GLY B 223 -14.12 -35.78 12.83
CA GLY B 223 -12.80 -36.04 12.21
C GLY B 223 -11.72 -35.24 12.92
N ASN B 224 -10.48 -35.45 12.50
CA ASN B 224 -9.33 -34.74 13.04
C ASN B 224 -9.11 -33.43 12.25
N ASP B 225 -10.10 -32.54 12.24
CA ASP B 225 -10.01 -31.27 11.48
C ASP B 225 -10.82 -30.20 12.21
N LEU B 226 -10.58 -28.92 11.86
CA LEU B 226 -11.18 -27.77 12.59
C LEU B 226 -12.70 -27.69 12.37
N ILE B 227 -13.18 -28.08 11.18
CA ILE B 227 -14.65 -27.99 10.86
C ILE B 227 -15.40 -29.03 11.72
N SER B 228 -14.90 -30.26 11.79
CA SER B 228 -15.47 -31.31 12.70
C SER B 228 -15.50 -30.83 14.15
N MET B 229 -14.41 -30.26 14.64
CA MET B 229 -14.33 -29.77 16.02
C MET B 229 -15.44 -28.74 16.28
N MET B 230 -15.56 -27.74 15.41
CA MET B 230 -16.59 -26.68 15.64
C MET B 230 -18.02 -27.31 15.58
N ALA B 231 -18.27 -28.19 14.61
CA ALA B 231 -19.59 -28.78 14.34
C ALA B 231 -20.07 -29.65 15.53
N HIS B 232 -19.15 -30.11 16.37
CA HIS B 232 -19.44 -31.05 17.49
C HIS B 232 -19.20 -30.39 18.84
N THR B 233 -19.07 -29.07 18.92
CA THR B 233 -19.04 -28.39 20.23
C THR B 233 -20.35 -27.65 20.38
N GLU B 234 -21.04 -27.85 21.50
CA GLU B 234 -22.42 -27.33 21.64
C GLU B 234 -22.41 -25.80 21.49
N SER B 235 -21.41 -25.10 22.01
CA SER B 235 -21.36 -23.62 21.99
C SER B 235 -21.02 -23.07 20.60
N MET B 236 -20.77 -23.93 19.60
CA MET B 236 -20.47 -23.42 18.22
C MET B 236 -21.39 -24.09 17.18
N ARG B 237 -22.25 -25.04 17.59
CA ARG B 237 -23.06 -25.87 16.66
C ARG B 237 -24.14 -25.06 15.94
N ASN B 238 -24.56 -23.92 16.47
CA ASN B 238 -25.73 -23.14 16.01
C ASN B 238 -25.28 -21.82 15.33
N MET B 239 -24.03 -21.74 14.84
CA MET B 239 -23.45 -20.48 14.24
C MET B 239 -24.22 -19.98 13.00
N THR B 240 -24.46 -18.68 12.97
CA THR B 240 -24.91 -17.95 11.76
C THR B 240 -23.79 -17.92 10.74
N PRO B 241 -24.07 -17.63 9.44
CA PRO B 241 -23.01 -17.51 8.45
C PRO B 241 -21.93 -16.51 8.91
N GLU B 242 -22.32 -15.39 9.52
CA GLU B 242 -21.33 -14.34 9.93
C GLU B 242 -20.46 -14.84 11.10
N GLU B 243 -21.04 -15.55 12.06
CA GLU B 243 -20.27 -16.11 13.21
C GLU B 243 -19.31 -17.20 12.67
N PHE B 244 -19.79 -18.09 11.81
CA PHE B 244 -18.96 -19.15 11.17
C PHE B 244 -17.80 -18.50 10.39
N LEU B 245 -18.09 -17.48 9.58
CA LEU B 245 -17.05 -16.78 8.76
C LEU B 245 -16.06 -16.06 9.67
N GLY B 246 -16.47 -15.40 10.75
CA GLY B 246 -15.48 -14.74 11.64
C GLY B 246 -14.43 -15.72 12.19
N ASN B 247 -14.88 -16.89 12.65
CA ASN B 247 -14.00 -17.94 13.19
C ASN B 247 -13.16 -18.57 12.07
N LEU B 248 -13.72 -18.74 10.86
CA LEU B 248 -12.98 -19.25 9.71
C LEU B 248 -11.82 -18.29 9.38
N ILE B 249 -12.05 -16.98 9.33
CA ILE B 249 -10.91 -16.08 8.97
C ILE B 249 -9.89 -15.97 10.11
N LEU B 250 -10.28 -16.08 11.38
CA LEU B 250 -9.31 -16.20 12.52
C LEU B 250 -8.37 -17.39 12.26
N LEU B 251 -8.96 -18.55 11.96
CA LEU B 251 -8.19 -19.82 11.85
C LEU B 251 -7.37 -19.81 10.56
N ILE B 252 -7.90 -19.25 9.47
CA ILE B 252 -7.11 -19.13 8.20
C ILE B 252 -5.90 -18.20 8.39
N VAL B 253 -6.12 -16.97 8.88
CA VAL B 253 -4.98 -15.98 8.95
C VAL B 253 -3.92 -16.44 9.96
N GLY B 254 -4.33 -16.85 11.17
CA GLY B 254 -3.38 -17.35 12.18
C GLY B 254 -2.71 -18.61 11.69
N GLY B 255 -3.45 -19.45 10.98
CA GLY B 255 -2.99 -20.78 10.51
C GLY B 255 -2.03 -20.75 9.34
N ASN B 256 -1.85 -19.61 8.66
CA ASN B 256 -0.86 -19.53 7.54
C ASN B 256 -0.03 -18.23 7.50
N ASP B 257 -0.64 -17.07 7.75
CA ASP B 257 -0.01 -15.79 7.28
C ASP B 257 1.18 -15.51 8.22
N THR B 258 1.02 -15.81 9.51
CA THR B 258 2.03 -15.49 10.54
C THR B 258 3.29 -16.32 10.33
N THR B 259 3.13 -17.62 10.08
CA THR B 259 4.28 -18.50 9.78
C THR B 259 4.84 -18.14 8.40
N ARG B 260 4.01 -17.69 7.46
CA ARG B 260 4.48 -17.34 6.09
C ARG B 260 5.49 -16.19 6.23
N ASN B 261 5.10 -15.14 6.96
CA ASN B 261 5.98 -13.96 7.14
C ASN B 261 7.22 -14.27 8.01
N SER B 262 7.10 -15.18 8.98
CA SER B 262 8.26 -15.67 9.78
C SER B 262 9.26 -16.46 8.91
N MET B 263 8.74 -17.29 8.00
CA MET B 263 9.57 -18.11 7.07
C MET B 263 10.38 -17.18 6.14
N THR B 264 9.78 -16.09 5.68
CA THR B 264 10.46 -15.12 4.78
C THR B 264 11.44 -14.31 5.62
N GLY B 265 11.00 -13.76 6.75
CA GLY B 265 11.83 -12.84 7.57
C GLY B 265 13.17 -13.42 8.03
N GLY B 266 13.20 -14.71 8.37
CA GLY B 266 14.45 -15.33 8.86
C GLY B 266 15.55 -15.23 7.81
N VAL B 267 15.22 -15.42 6.54
CA VAL B 267 16.24 -15.33 5.45
C VAL B 267 16.80 -13.91 5.40
N LEU B 268 15.94 -12.90 5.45
CA LEU B 268 16.38 -11.49 5.42
C LEU B 268 17.25 -11.21 6.66
N ALA B 269 16.82 -11.61 7.86
CA ALA B 269 17.58 -11.33 9.10
C ALA B 269 19.01 -11.94 8.98
N LEU B 270 19.14 -13.17 8.47
CA LEU B 270 20.48 -13.82 8.37
C LEU B 270 21.35 -13.09 7.32
N ASN B 271 20.78 -12.60 6.21
CA ASN B 271 21.50 -11.79 5.19
C ASN B 271 21.93 -10.41 5.75
N GLU B 272 21.11 -9.76 6.59
CA GLU B 272 21.41 -8.45 7.22
C GLU B 272 22.43 -8.65 8.34
N ASN B 273 22.62 -9.87 8.81
CA ASN B 273 23.46 -10.16 10.00
C ASN B 273 24.40 -11.32 9.69
N PRO B 274 25.39 -11.16 8.79
CA PRO B 274 26.20 -12.31 8.38
C PRO B 274 27.03 -13.00 9.49
N ASP B 275 27.43 -12.32 10.57
CA ASP B 275 28.09 -12.99 11.72
C ASP B 275 27.14 -14.02 12.33
N GLU B 276 25.82 -13.76 12.33
CA GLU B 276 24.85 -14.75 12.86
C GLU B 276 24.71 -15.93 11.87
N TYR B 277 24.70 -15.69 10.57
CA TYR B 277 24.67 -16.75 9.54
C TYR B 277 25.92 -17.65 9.71
N ARG B 278 27.08 -17.06 9.98
CA ARG B 278 28.27 -17.91 10.25
C ARG B 278 28.11 -18.75 11.52
N LYS B 279 27.65 -18.16 12.61
CA LYS B 279 27.40 -18.87 13.89
C LYS B 279 26.46 -20.06 13.65
N LEU B 280 25.37 -19.87 12.90
CA LEU B 280 24.36 -20.94 12.61
C LEU B 280 25.05 -22.11 11.87
N CYS B 281 25.76 -21.81 10.78
CA CYS B 281 26.38 -22.84 9.90
C CYS B 281 27.42 -23.63 10.71
N ALA B 282 28.15 -22.98 11.61
CA ALA B 282 29.19 -23.62 12.46
C ALA B 282 28.55 -24.53 13.50
N ASN B 283 27.33 -24.22 13.96
CA ASN B 283 26.62 -25.02 14.99
C ASN B 283 25.13 -25.09 14.68
N PRO B 284 24.68 -25.96 13.74
CA PRO B 284 23.25 -26.08 13.44
C PRO B 284 22.30 -26.41 14.59
N ALA B 285 22.79 -26.91 15.73
CA ALA B 285 21.92 -27.10 16.91
C ALA B 285 21.32 -25.75 17.36
N LEU B 286 21.94 -24.62 16.99
CA LEU B 286 21.43 -23.25 17.35
C LEU B 286 20.10 -22.96 16.65
N ILE B 287 19.63 -23.81 15.72
CA ILE B 287 18.26 -23.62 15.15
C ILE B 287 17.26 -23.48 16.31
N ALA B 288 17.46 -24.22 17.39
CA ALA B 288 16.53 -24.25 18.54
C ALA B 288 16.36 -22.85 19.17
N SER B 289 17.43 -22.08 19.36
CA SER B 289 17.41 -20.72 19.94
C SER B 289 17.18 -19.66 18.84
N MET B 290 17.47 -19.98 17.58
CA MET B 290 17.25 -19.03 16.46
C MET B 290 15.74 -18.85 16.20
N VAL B 291 14.97 -19.92 16.15
CA VAL B 291 13.53 -19.84 15.72
C VAL B 291 12.74 -18.84 16.58
N PRO B 292 12.76 -18.88 17.92
CA PRO B 292 12.09 -17.85 18.72
C PRO B 292 12.62 -16.43 18.47
N GLU B 293 13.93 -16.26 18.21
CA GLU B 293 14.51 -14.95 17.84
C GLU B 293 13.99 -14.45 16.48
N ILE B 294 13.81 -15.33 15.48
CA ILE B 294 13.16 -14.93 14.19
C ILE B 294 11.73 -14.42 14.46
N VAL B 295 11.00 -15.08 15.34
CA VAL B 295 9.61 -14.64 15.65
C VAL B 295 9.62 -13.30 16.39
N ARG B 296 10.56 -13.07 17.32
CA ARG B 296 10.68 -11.73 17.97
C ARG B 296 11.05 -10.67 16.93
N TRP B 297 12.08 -10.93 16.13
CA TRP B 297 12.61 -9.95 15.15
C TRP B 297 11.54 -9.59 14.12
N GLN B 298 10.80 -10.59 13.63
CA GLN B 298 9.75 -10.37 12.59
C GLN B 298 8.52 -9.67 13.20
N THR B 299 8.00 -10.13 14.36
CA THR B 299 6.72 -9.68 14.96
C THR B 299 5.61 -9.67 13.90
N PRO B 300 5.26 -10.84 13.32
CA PRO B 300 4.35 -10.93 12.16
C PRO B 300 2.97 -10.25 12.33
N LEU B 301 2.44 -10.20 13.57
CA LEU B 301 1.26 -9.34 13.88
C LEU B 301 1.78 -8.19 14.78
N ALA B 302 1.82 -6.97 14.24
CA ALA B 302 2.49 -5.81 14.87
C ALA B 302 1.79 -5.36 16.15
N HIS B 303 0.47 -5.58 16.22
CA HIS B 303 -0.35 -5.22 17.41
C HIS B 303 -1.52 -6.18 17.61
N MET B 304 -2.13 -6.10 18.78
CA MET B 304 -3.52 -6.51 19.09
C MET B 304 -4.22 -5.34 19.81
N ARG B 305 -5.53 -5.23 19.61
CA ARG B 305 -6.37 -4.13 20.12
C ARG B 305 -7.33 -4.61 21.22
N ARG B 306 -7.61 -3.68 22.12
CA ARG B 306 -8.57 -3.82 23.24
C ARG B 306 -9.50 -2.59 23.27
N THR B 307 -10.61 -2.68 24.02
CA THR B 307 -11.54 -1.55 24.27
C THR B 307 -11.72 -1.43 25.80
N ALA B 308 -11.57 -0.23 26.38
CA ALA B 308 -11.75 -0.07 27.85
C ALA B 308 -13.23 -0.26 28.22
N LEU B 309 -13.52 -1.07 29.26
CA LEU B 309 -14.91 -1.30 29.75
C LEU B 309 -15.29 -0.26 30.82
N GLN B 310 -14.32 0.44 31.39
CA GLN B 310 -14.53 1.50 32.41
C GLN B 310 -13.36 2.50 32.32
N ASP B 311 -13.56 3.71 32.84
CA ASP B 311 -12.46 4.68 33.03
C ASP B 311 -11.38 4.00 33.87
N THR B 312 -10.11 4.16 33.48
CA THR B 312 -8.97 3.46 34.14
C THR B 312 -7.68 4.28 34.01
N GLU B 313 -6.70 3.99 34.86
CA GLU B 313 -5.36 4.68 34.85
C GLU B 313 -4.32 3.70 34.32
N LEU B 314 -3.54 4.06 33.29
CA LEU B 314 -2.38 3.25 32.80
C LEU B 314 -1.16 4.16 32.61
N GLY B 315 -0.04 3.88 33.27
CA GLY B 315 1.17 4.73 33.19
C GLY B 315 0.89 6.20 33.49
N GLY B 316 -0.04 6.49 34.39
CA GLY B 316 -0.40 7.88 34.78
C GLY B 316 -1.39 8.57 33.85
N LYS B 317 -1.94 7.86 32.86
CA LYS B 317 -2.85 8.45 31.86
C LYS B 317 -4.27 7.99 32.14
N SER B 318 -5.22 8.89 31.90
CA SER B 318 -6.67 8.64 32.13
C SER B 318 -7.26 8.05 30.86
N ILE B 319 -7.46 6.74 30.81
CA ILE B 319 -8.10 6.07 29.65
C ILE B 319 -9.61 6.01 29.92
N ARG B 320 -10.45 6.46 28.98
CA ARG B 320 -11.90 6.51 29.19
C ARG B 320 -12.59 5.23 28.69
N LYS B 321 -13.71 4.89 29.33
CA LYS B 321 -14.66 3.84 28.84
C LYS B 321 -14.94 4.05 27.33
N GLY B 322 -14.74 2.99 26.54
CA GLY B 322 -15.00 3.04 25.08
C GLY B 322 -13.77 3.37 24.27
N ASP B 323 -12.68 3.86 24.90
CA ASP B 323 -11.45 4.20 24.14
C ASP B 323 -10.80 2.93 23.54
N LYS B 324 -10.21 3.10 22.36
CA LYS B 324 -9.44 2.05 21.64
C LYS B 324 -8.01 2.06 22.20
N VAL B 325 -7.54 0.87 22.63
CA VAL B 325 -6.20 0.69 23.25
C VAL B 325 -5.39 -0.29 22.40
N ILE B 326 -4.23 0.15 21.89
CA ILE B 326 -3.40 -0.67 20.98
C ILE B 326 -2.15 -1.16 21.70
N MET B 327 -2.02 -2.49 21.80
CA MET B 327 -0.78 -3.15 22.28
C MET B 327 0.20 -3.33 21.11
N TRP B 328 1.23 -2.50 21.06
CA TRP B 328 2.19 -2.50 19.94
C TRP B 328 3.34 -3.49 20.24
N TYR B 329 3.14 -4.76 19.96
CA TYR B 329 4.16 -5.81 20.13
C TYR B 329 5.44 -5.42 19.38
N VAL B 330 5.31 -4.78 18.20
CA VAL B 330 6.49 -4.37 17.42
C VAL B 330 7.40 -3.45 18.25
N SER B 331 6.85 -2.63 19.16
CA SER B 331 7.62 -1.72 20.07
C SER B 331 8.05 -2.47 21.32
N GLY B 332 7.16 -3.26 21.93
CA GLY B 332 7.52 -3.99 23.17
C GLY B 332 8.70 -4.94 22.95
N ASN B 333 8.81 -5.52 21.76
CA ASN B 333 9.90 -6.44 21.33
C ASN B 333 11.22 -5.69 21.13
N ARG B 334 11.21 -4.35 21.17
CA ARG B 334 12.49 -3.58 21.09
C ARG B 334 12.72 -2.76 22.38
N ASP B 335 12.09 -3.13 23.49
CA ASP B 335 12.11 -2.35 24.76
C ASP B 335 13.32 -2.76 25.59
N PRO B 336 14.37 -1.91 25.73
CA PRO B 336 15.59 -2.34 26.46
C PRO B 336 15.42 -2.52 27.97
N GLU B 337 14.30 -2.05 28.53
CA GLU B 337 13.93 -2.30 29.94
C GLU B 337 13.60 -3.78 30.13
N ALA B 338 13.19 -4.50 29.09
CA ALA B 338 12.77 -5.92 29.18
C ALA B 338 13.74 -6.84 28.46
N ILE B 339 14.37 -6.40 27.38
CA ILE B 339 15.18 -7.28 26.48
C ILE B 339 16.58 -6.67 26.33
N GLU B 340 17.64 -7.46 26.58
CA GLU B 340 19.04 -7.00 26.46
C GLU B 340 19.39 -6.76 24.98
N ASN B 341 20.01 -5.61 24.67
CA ASN B 341 20.49 -5.27 23.31
C ASN B 341 19.36 -5.58 22.30
N PRO B 342 18.19 -4.93 22.47
CA PRO B 342 16.97 -5.31 21.76
C PRO B 342 17.06 -5.05 20.24
N ASP B 343 17.92 -4.13 19.78
CA ASP B 343 17.99 -3.82 18.33
C ASP B 343 18.97 -4.73 17.59
N ALA B 344 19.63 -5.69 18.26
CA ALA B 344 20.50 -6.72 17.66
C ALA B 344 19.73 -8.05 17.46
N PHE B 345 19.93 -8.69 16.31
CA PHE B 345 19.47 -10.06 15.97
C PHE B 345 20.56 -11.03 16.46
N ILE B 346 20.22 -11.88 17.45
CA ILE B 346 21.20 -12.74 18.17
C ILE B 346 20.60 -14.14 18.31
N ILE B 347 21.20 -15.17 17.68
CA ILE B 347 20.54 -16.49 17.50
C ILE B 347 20.82 -17.41 18.70
N ASP B 348 21.65 -16.97 19.65
CA ASP B 348 22.01 -17.77 20.85
C ASP B 348 21.81 -16.95 22.13
N ARG B 349 20.66 -16.26 22.26
CA ARG B 349 20.33 -15.46 23.47
C ARG B 349 20.18 -16.42 24.66
N ALA B 350 20.44 -15.93 25.88
CA ALA B 350 20.19 -16.64 27.16
C ALA B 350 18.67 -16.89 27.32
N LYS B 351 17.83 -15.94 26.87
CA LYS B 351 16.36 -16.03 27.01
C LYS B 351 15.68 -15.82 25.66
N PRO B 352 15.77 -16.79 24.73
CA PRO B 352 15.28 -16.59 23.36
C PRO B 352 13.74 -16.45 23.27
N ARG B 353 13.02 -16.97 24.24
CA ARG B 353 11.53 -16.89 24.25
C ARG B 353 11.02 -15.66 24.99
N HIS B 354 11.87 -14.73 25.41
CA HIS B 354 11.46 -13.48 26.13
C HIS B 354 10.98 -12.42 25.11
N HIS B 355 9.76 -12.57 24.59
CA HIS B 355 9.16 -11.69 23.55
C HIS B 355 7.63 -11.75 23.65
N LEU B 356 6.98 -10.88 22.88
CA LEU B 356 5.52 -10.61 22.93
C LEU B 356 4.85 -10.98 21.59
N SER B 357 5.53 -11.67 20.65
CA SER B 357 4.94 -11.92 19.30
C SER B 357 3.73 -12.88 19.36
N PHE B 358 3.64 -13.76 20.37
CA PHE B 358 2.50 -14.65 20.61
C PHE B 358 1.54 -14.08 21.66
N GLY B 359 1.69 -12.82 22.06
CA GLY B 359 0.96 -12.18 23.17
C GLY B 359 1.16 -12.96 24.46
N PHE B 360 0.17 -12.88 25.35
CA PHE B 360 0.29 -13.37 26.74
C PHE B 360 -1.11 -13.35 27.37
N GLY B 361 -1.36 -14.23 28.34
CA GLY B 361 -2.64 -14.23 29.06
C GLY B 361 -3.66 -15.16 28.44
N ILE B 362 -4.93 -14.93 28.71
CA ILE B 362 -6.00 -15.88 28.32
C ILE B 362 -6.10 -16.01 26.79
N HIS B 363 -5.66 -15.01 25.98
CA HIS B 363 -5.72 -15.09 24.48
C HIS B 363 -4.37 -15.48 23.84
N ARG B 364 -3.36 -15.80 24.65
CA ARG B 364 -2.03 -16.19 24.13
C ARG B 364 -2.16 -17.23 23.00
N CYS B 365 -1.40 -17.02 21.94
CA CYS B 365 -1.46 -17.87 20.72
C CYS B 365 -1.58 -19.36 21.06
N VAL B 366 -2.62 -19.99 20.56
CA VAL B 366 -2.89 -21.46 20.73
C VAL B 366 -2.05 -22.28 19.73
N GLY B 367 -1.56 -21.68 18.63
CA GLY B 367 -0.81 -22.42 17.60
C GLY B 367 0.72 -22.24 17.66
N ASN B 368 1.27 -21.74 18.76
CA ASN B 368 2.70 -21.33 18.78
C ASN B 368 3.64 -22.54 18.55
N ARG B 369 3.36 -23.70 19.13
CA ARG B 369 4.23 -24.91 19.01
C ARG B 369 4.21 -25.40 17.56
N LEU B 370 3.09 -25.34 16.86
CA LEU B 370 3.01 -25.73 15.43
C LEU B 370 3.80 -24.75 14.56
N ALA B 371 3.72 -23.45 14.84
CA ALA B 371 4.49 -22.42 14.08
C ALA B 371 5.98 -22.68 14.25
N GLU B 372 6.43 -22.89 15.48
CA GLU B 372 7.88 -23.08 15.72
C GLU B 372 8.30 -24.42 15.10
N LEU B 373 7.43 -25.45 15.11
CA LEU B 373 7.79 -26.77 14.51
C LEU B 373 8.11 -26.57 13.03
N GLN B 374 7.23 -25.84 12.32
CA GLN B 374 7.42 -25.61 10.85
C GLN B 374 8.75 -24.89 10.62
N LEU B 375 9.06 -23.90 11.47
CA LEU B 375 10.23 -23.02 11.26
C LEU B 375 11.51 -23.81 11.57
N ARG B 376 11.51 -24.71 12.57
CA ARG B 376 12.71 -25.55 12.85
C ARG B 376 12.96 -26.50 11.69
N ILE B 377 11.90 -27.13 11.17
CA ILE B 377 12.02 -28.12 10.08
C ILE B 377 12.58 -27.41 8.85
N VAL B 378 12.11 -26.23 8.48
CA VAL B 378 12.60 -25.63 7.20
C VAL B 378 14.10 -25.29 7.38
N TRP B 379 14.56 -24.80 8.54
CA TRP B 379 15.99 -24.50 8.75
C TRP B 379 16.83 -25.79 8.81
N GLU B 380 16.33 -26.86 9.43
CA GLU B 380 17.08 -28.16 9.44
C GLU B 380 17.29 -28.63 7.99
N GLU B 381 16.23 -28.58 7.17
CA GLU B 381 16.24 -29.14 5.79
C GLU B 381 17.04 -28.21 4.87
N LEU B 382 17.05 -26.90 5.12
CA LEU B 382 17.85 -25.95 4.30
C LEU B 382 19.34 -26.24 4.52
N LEU B 383 19.76 -26.38 5.77
CA LEU B 383 21.21 -26.54 6.10
C LEU B 383 21.69 -27.93 5.66
N LYS B 384 20.82 -28.93 5.63
CA LYS B 384 21.17 -30.28 5.11
C LYS B 384 21.59 -30.17 3.65
N ARG B 385 20.97 -29.30 2.85
CA ARG B 385 21.23 -29.16 1.38
C ARG B 385 22.32 -28.11 1.12
N TRP B 386 22.31 -27.00 1.87
CA TRP B 386 23.13 -25.77 1.65
C TRP B 386 23.76 -25.37 2.99
N PRO B 387 24.87 -26.04 3.40
CA PRO B 387 25.39 -25.90 4.76
C PRO B 387 26.36 -24.73 5.03
N ASN B 388 26.76 -23.99 3.99
CA ASN B 388 27.85 -22.96 4.12
C ASN B 388 27.25 -21.57 4.23
N PRO B 389 27.93 -20.64 4.94
CA PRO B 389 27.41 -19.29 5.11
C PRO B 389 27.31 -18.56 3.76
N GLY B 390 26.22 -17.82 3.58
CA GLY B 390 25.94 -17.02 2.37
C GLY B 390 25.40 -17.79 1.18
N GLN B 391 25.16 -19.11 1.25
CA GLN B 391 24.59 -19.84 0.08
C GLN B 391 23.14 -19.39 -0.19
N ILE B 392 22.37 -18.98 0.85
CA ILE B 392 20.97 -18.54 0.68
C ILE B 392 20.94 -17.01 0.70
N GLU B 393 20.96 -16.39 -0.49
CA GLU B 393 21.36 -14.96 -0.69
C GLU B 393 20.16 -14.11 -1.14
N VAL B 394 19.88 -13.04 -0.41
CA VAL B 394 18.92 -11.98 -0.81
C VAL B 394 19.60 -11.15 -1.88
N VAL B 395 19.01 -11.04 -3.06
CA VAL B 395 19.64 -10.33 -4.22
C VAL B 395 18.82 -9.13 -4.70
N GLY B 396 17.72 -8.78 -4.02
CA GLY B 396 16.92 -7.61 -4.40
C GLY B 396 16.10 -7.14 -3.20
N ALA B 397 15.47 -5.97 -3.27
CA ALA B 397 14.76 -5.37 -2.13
C ALA B 397 13.52 -6.20 -1.83
N PRO B 398 13.15 -6.43 -0.56
CA PRO B 398 11.83 -6.97 -0.26
C PRO B 398 10.71 -5.99 -0.61
N GLU B 399 9.55 -6.50 -1.02
CA GLU B 399 8.31 -5.69 -1.11
C GLU B 399 7.51 -5.95 0.17
N ARG B 400 7.26 -4.92 0.99
CA ARG B 400 6.62 -5.15 2.31
C ARG B 400 5.13 -4.81 2.19
N VAL B 401 4.32 -5.30 3.11
CA VAL B 401 2.83 -5.15 3.08
C VAL B 401 2.47 -3.76 3.63
N LEU B 402 1.55 -3.08 2.96
CA LEU B 402 0.95 -1.83 3.46
C LEU B 402 -0.16 -2.15 4.48
N SER B 403 0.21 -2.20 5.76
CA SER B 403 -0.72 -2.61 6.86
C SER B 403 -0.12 -2.15 8.19
N PRO B 404 -0.96 -1.71 9.17
CA PRO B 404 -0.49 -1.53 10.57
C PRO B 404 -0.56 -2.82 11.41
N PHE B 405 -1.15 -3.87 10.86
CA PHE B 405 -1.49 -5.15 11.55
C PHE B 405 -0.58 -6.27 11.05
N VAL B 406 -0.65 -6.57 9.76
CA VAL B 406 0.29 -7.56 9.14
C VAL B 406 1.65 -6.88 8.91
N LYS B 407 2.68 -7.39 9.56
CA LYS B 407 4.09 -6.99 9.32
C LYS B 407 4.76 -8.09 8.52
N GLY B 408 4.84 -7.93 7.21
CA GLY B 408 5.16 -9.04 6.31
C GLY B 408 5.57 -8.59 4.90
N TYR B 409 5.72 -9.58 4.02
CA TYR B 409 6.38 -9.41 2.71
C TYR B 409 5.48 -10.01 1.60
N GLU B 410 5.29 -9.23 0.54
CA GLU B 410 4.64 -9.68 -0.72
C GLU B 410 5.64 -10.49 -1.55
N SER B 411 6.94 -10.13 -1.51
CA SER B 411 7.96 -10.83 -2.30
C SER B 411 9.35 -10.61 -1.70
N LEU B 412 10.27 -11.54 -2.00
CA LEU B 412 11.69 -11.44 -1.59
C LEU B 412 12.54 -12.16 -2.60
N PRO B 413 13.32 -11.43 -3.45
CA PRO B 413 14.20 -12.07 -4.41
C PRO B 413 15.42 -12.75 -3.75
N VAL B 414 15.55 -14.05 -3.97
CA VAL B 414 16.61 -14.93 -3.41
C VAL B 414 17.27 -15.72 -4.54
N ARG B 415 18.57 -15.96 -4.39
CA ARG B 415 19.38 -16.88 -5.23
C ARG B 415 20.09 -17.87 -4.33
N ILE B 416 20.04 -19.16 -4.66
CA ILE B 416 20.85 -20.18 -3.94
C ILE B 416 22.15 -20.41 -4.72
N ASN B 417 23.28 -20.13 -4.09
CA ASN B 417 24.64 -20.28 -4.67
C ASN B 417 25.14 -21.69 -4.39
N ALA B 418 25.29 -22.55 -5.42
CA ALA B 418 25.84 -23.91 -5.22
C ALA B 418 26.50 -24.44 -6.50
#